data_8A3I
# 
_entry.id   8A3I 
# 
_audit_conform.dict_name       mmcif_pdbx.dic 
_audit_conform.dict_version    5.399 
_audit_conform.dict_location   http://mmcif.pdb.org/dictionaries/ascii/mmcif_pdbx.dic 
# 
loop_
_database_2.database_id 
_database_2.database_code 
_database_2.pdbx_database_accession 
_database_2.pdbx_DOI 
PDB   8A3I         pdb_00008a3i 10.2210/pdb8a3i/pdb 
WWPDB D_1292123382 ?            ?                   
# 
loop_
_pdbx_audit_revision_history.ordinal 
_pdbx_audit_revision_history.data_content_type 
_pdbx_audit_revision_history.major_revision 
_pdbx_audit_revision_history.minor_revision 
_pdbx_audit_revision_history.revision_date 
1 'Structure model' 1 0 2022-10-05 
2 'Structure model' 1 1 2022-11-23 
3 'Structure model' 1 2 2024-05-01 
4 'Structure model' 1 3 2024-11-20 
# 
_pdbx_audit_revision_details.ordinal             1 
_pdbx_audit_revision_details.revision_ordinal    1 
_pdbx_audit_revision_details.data_content_type   'Structure model' 
_pdbx_audit_revision_details.provider            repository 
_pdbx_audit_revision_details.type                'Initial release' 
_pdbx_audit_revision_details.description         ? 
_pdbx_audit_revision_details.details             ? 
# 
loop_
_pdbx_audit_revision_group.ordinal 
_pdbx_audit_revision_group.revision_ordinal 
_pdbx_audit_revision_group.data_content_type 
_pdbx_audit_revision_group.group 
1 2 'Structure model' 'Database references'    
2 3 'Structure model' 'Data collection'        
3 3 'Structure model' 'Refinement description' 
4 4 'Structure model' 'Structure summary'      
# 
loop_
_pdbx_audit_revision_category.ordinal 
_pdbx_audit_revision_category.revision_ordinal 
_pdbx_audit_revision_category.data_content_type 
_pdbx_audit_revision_category.category 
1 2 'Structure model' citation                      
2 2 'Structure model' citation_author               
3 3 'Structure model' chem_comp_atom                
4 3 'Structure model' chem_comp_bond                
5 3 'Structure model' pdbx_initial_refinement_model 
6 4 'Structure model' pdbx_entry_details            
7 4 'Structure model' pdbx_modification_feature     
# 
loop_
_pdbx_audit_revision_item.ordinal 
_pdbx_audit_revision_item.revision_ordinal 
_pdbx_audit_revision_item.data_content_type 
_pdbx_audit_revision_item.item 
1 2 'Structure model' '_citation.journal_id_ISSN'                    
2 2 'Structure model' '_citation.journal_volume'                     
3 2 'Structure model' '_citation.page_first'                         
4 2 'Structure model' '_citation.page_last'                          
5 2 'Structure model' '_citation.pdbx_database_id_DOI'               
6 2 'Structure model' '_citation.pdbx_database_id_PubMed'            
7 2 'Structure model' '_citation.title'                              
8 2 'Structure model' '_citation_author.identifier_ORCID'            
9 4 'Structure model' '_pdbx_entry_details.has_protein_modification' 
# 
_pdbx_database_status.status_code                     REL 
_pdbx_database_status.status_code_sf                  REL 
_pdbx_database_status.status_code_mr                  ? 
_pdbx_database_status.entry_id                        8A3I 
_pdbx_database_status.recvd_initial_deposition_date   2022-06-08 
_pdbx_database_status.SG_entry                        N 
_pdbx_database_status.deposit_site                    PDBE 
_pdbx_database_status.process_site                    PDBE 
_pdbx_database_status.status_code_cs                  ? 
_pdbx_database_status.status_code_nmr_data            ? 
_pdbx_database_status.methods_development_category    ? 
_pdbx_database_status.pdb_format_compatible           Y 
# 
_pdbx_contact_author.id                 2 
_pdbx_contact_author.email              d.n.woolfson@bristol.ac.uk 
_pdbx_contact_author.name_first         Derek 
_pdbx_contact_author.name_last          Woolfson 
_pdbx_contact_author.name_mi            ? 
_pdbx_contact_author.role               'principal investigator/group leader' 
_pdbx_contact_author.identifier_ORCID   0000-0002-0394-3202 
# 
loop_
_audit_author.name 
_audit_author.pdbx_ordinal 
_audit_author.identifier_ORCID 
'Naudin, E.A.'   1 0000-0002-1318-3366 
'Mylemans, B.'   2 0000-0003-3842-2308 
'Albanese, K.I.' 3 0000-0002-2336-1621 
'Woolfson, D.N.' 4 0000-0002-0394-3202 
# 
_citation.abstract                  ? 
_citation.abstract_id_CAS           ? 
_citation.book_id_ISBN              ? 
_citation.book_publisher            ? 
_citation.book_publisher_city       ? 
_citation.book_title                ? 
_citation.coordinate_linkage        ? 
_citation.country                   UK 
_citation.database_id_Medline       ? 
_citation.details                   ? 
_citation.id                        primary 
_citation.journal_abbrev            'Chem Sci' 
_citation.journal_id_ASTM           ? 
_citation.journal_id_CSD            ? 
_citation.journal_id_ISSN           2041-6520 
_citation.journal_full              ? 
_citation.journal_issue             ? 
_citation.journal_volume            13 
_citation.language                  ? 
_citation.page_first                11330 
_citation.page_last                 11340 
_citation.title                     'From peptides to proteins: coiled-coil tetramers to single-chain 4-helix bundles.' 
_citation.year                      2022 
_citation.database_id_CSD           ? 
_citation.pdbx_database_id_DOI      10.1039/d2sc04479j 
_citation.pdbx_database_id_PubMed   36320580 
_citation.pdbx_database_id_patent   ? 
_citation.unpublished_flag          ? 
# 
loop_
_citation_author.citation_id 
_citation_author.name 
_citation_author.ordinal 
_citation_author.identifier_ORCID 
primary 'Naudin, E.A.'   1  0000-0002-1318-3366 
primary 'Albanese, K.I.' 2  ?                   
primary 'Smith, A.J.'    3  ?                   
primary 'Mylemans, B.'   4  ?                   
primary 'Baker, E.G.'    5  ?                   
primary 'Weiner, O.D.'   6  ?                   
primary 'Andrews, D.M.'  7  0000-0002-6716-6270 
primary 'Tigue, N.'      8  ?                   
primary 'Savery, N.J.'   9  ?                   
primary 'Woolfson, D.N.' 10 0000-0002-0394-3202 
# 
loop_
_entity.id 
_entity.type 
_entity.src_method 
_entity.pdbx_description 
_entity.formula_weight 
_entity.pdbx_number_of_molecules 
_entity.pdbx_ec 
_entity.pdbx_mutation 
_entity.pdbx_fragment 
_entity.details 
1 polymer syn apCC-Tet*3 2649.095 2 ? ? ? ? 
2 water   nat water      18.015   9 ? ? ? ? 
# 
_entity_poly.entity_id                      1 
_entity_poly.type                           'polypeptide(L)' 
_entity_poly.nstd_linkage                   no 
_entity_poly.nstd_monomer                   yes 
_entity_poly.pdbx_seq_one_letter_code       '(ACE)GQLEEIAKQLQQIAWQLKKIAQG(NH2)' 
_entity_poly.pdbx_seq_one_letter_code_can   XGQLEEIAKQLQQIAWQLKKIAQGX 
_entity_poly.pdbx_strand_id                 A,B 
_entity_poly.pdbx_target_identifier         ? 
# 
_pdbx_entity_nonpoly.entity_id   2 
_pdbx_entity_nonpoly.name        water 
_pdbx_entity_nonpoly.comp_id     HOH 
# 
loop_
_entity_poly_seq.entity_id 
_entity_poly_seq.num 
_entity_poly_seq.mon_id 
_entity_poly_seq.hetero 
1 1  ACE n 
1 2  GLY n 
1 3  GLN n 
1 4  LEU n 
1 5  GLU n 
1 6  GLU n 
1 7  ILE n 
1 8  ALA n 
1 9  LYS n 
1 10 GLN n 
1 11 LEU n 
1 12 GLN n 
1 13 GLN n 
1 14 ILE n 
1 15 ALA n 
1 16 TRP n 
1 17 GLN n 
1 18 LEU n 
1 19 LYS n 
1 20 LYS n 
1 21 ILE n 
1 22 ALA n 
1 23 GLN n 
1 24 GLY n 
1 25 NH2 n 
# 
_pdbx_entity_src_syn.entity_id              1 
_pdbx_entity_src_syn.pdbx_src_id            1 
_pdbx_entity_src_syn.pdbx_alt_source_flag   sample 
_pdbx_entity_src_syn.pdbx_beg_seq_num       1 
_pdbx_entity_src_syn.pdbx_end_seq_num       25 
_pdbx_entity_src_syn.organism_scientific    'synthetic construct' 
_pdbx_entity_src_syn.organism_common_name   ? 
_pdbx_entity_src_syn.ncbi_taxonomy_id       32630 
_pdbx_entity_src_syn.details                ? 
# 
loop_
_chem_comp.id 
_chem_comp.type 
_chem_comp.mon_nstd_flag 
_chem_comp.name 
_chem_comp.pdbx_synonyms 
_chem_comp.formula 
_chem_comp.formula_weight 
ACE non-polymer         . 'ACETYL GROUP'  ? 'C2 H4 O'        44.053  
ALA 'L-peptide linking' y ALANINE         ? 'C3 H7 N O2'     89.093  
GLN 'L-peptide linking' y GLUTAMINE       ? 'C5 H10 N2 O3'   146.144 
GLU 'L-peptide linking' y 'GLUTAMIC ACID' ? 'C5 H9 N O4'     147.129 
GLY 'peptide linking'   y GLYCINE         ? 'C2 H5 N O2'     75.067  
HOH non-polymer         . WATER           ? 'H2 O'           18.015  
ILE 'L-peptide linking' y ISOLEUCINE      ? 'C6 H13 N O2'    131.173 
LEU 'L-peptide linking' y LEUCINE         ? 'C6 H13 N O2'    131.173 
LYS 'L-peptide linking' y LYSINE          ? 'C6 H15 N2 O2 1' 147.195 
NH2 non-polymer         . 'AMINO GROUP'   ? 'H2 N'           16.023  
TRP 'L-peptide linking' y TRYPTOPHAN      ? 'C11 H12 N2 O2'  204.225 
# 
loop_
_pdbx_poly_seq_scheme.asym_id 
_pdbx_poly_seq_scheme.entity_id 
_pdbx_poly_seq_scheme.seq_id 
_pdbx_poly_seq_scheme.mon_id 
_pdbx_poly_seq_scheme.ndb_seq_num 
_pdbx_poly_seq_scheme.pdb_seq_num 
_pdbx_poly_seq_scheme.auth_seq_num 
_pdbx_poly_seq_scheme.pdb_mon_id 
_pdbx_poly_seq_scheme.auth_mon_id 
_pdbx_poly_seq_scheme.pdb_strand_id 
_pdbx_poly_seq_scheme.pdb_ins_code 
_pdbx_poly_seq_scheme.hetero 
A 1 1  ACE 1  0  0  ACE ACE A . n 
A 1 2  GLY 2  1  1  GLY GLY A . n 
A 1 3  GLN 3  2  2  GLN GLN A . n 
A 1 4  LEU 4  3  3  LEU LEU A . n 
A 1 5  GLU 5  4  4  GLU GLU A . n 
A 1 6  GLU 6  5  5  GLU GLU A . n 
A 1 7  ILE 7  6  6  ILE ILE A . n 
A 1 8  ALA 8  7  7  ALA ALA A . n 
A 1 9  LYS 9  8  8  LYS LYS A . n 
A 1 10 GLN 10 9  9  GLN GLN A . n 
A 1 11 LEU 11 10 10 LEU LEU A . n 
A 1 12 GLN 12 11 11 GLN GLN A . n 
A 1 13 GLN 13 12 12 GLN GLN A . n 
A 1 14 ILE 14 13 13 ILE ILE A . n 
A 1 15 ALA 15 14 14 ALA ALA A . n 
A 1 16 TRP 16 15 15 TRP TRP A . n 
A 1 17 GLN 17 16 16 GLN GLN A . n 
A 1 18 LEU 18 17 17 LEU LEU A . n 
A 1 19 LYS 19 18 18 LYS LYS A . n 
A 1 20 LYS 20 19 19 LYS LYS A . n 
A 1 21 ILE 21 20 20 ILE ILE A . n 
A 1 22 ALA 22 21 21 ALA ALA A . n 
A 1 23 GLN 23 22 22 GLN GLN A . n 
A 1 24 GLY 24 23 23 GLY GLY A . n 
A 1 25 NH2 25 24 24 NH2 NH2 A . n 
B 1 1  ACE 1  0  0  ACE ACE B . n 
B 1 2  GLY 2  1  1  GLY GLY B . n 
B 1 3  GLN 3  2  2  GLN GLN B . n 
B 1 4  LEU 4  3  3  LEU LEU B . n 
B 1 5  GLU 5  4  4  GLU GLU B . n 
B 1 6  GLU 6  5  5  GLU GLU B . n 
B 1 7  ILE 7  6  6  ILE ILE B . n 
B 1 8  ALA 8  7  7  ALA ALA B . n 
B 1 9  LYS 9  8  8  LYS LYS B . n 
B 1 10 GLN 10 9  9  GLN GLN B . n 
B 1 11 LEU 11 10 10 LEU LEU B . n 
B 1 12 GLN 12 11 11 GLN GLN B . n 
B 1 13 GLN 13 12 12 GLN GLN B . n 
B 1 14 ILE 14 13 13 ILE ILE B . n 
B 1 15 ALA 15 14 14 ALA ALA B . n 
B 1 16 TRP 16 15 15 TRP TRP B . n 
B 1 17 GLN 17 16 16 GLN GLN B . n 
B 1 18 LEU 18 17 17 LEU LEU B . n 
B 1 19 LYS 19 18 18 LYS LYS B . n 
B 1 20 LYS 20 19 19 LYS LYS B . n 
B 1 21 ILE 21 20 20 ILE ILE B . n 
B 1 22 ALA 22 21 21 ALA ALA B . n 
B 1 23 GLN 23 22 22 GLN GLN B . n 
B 1 24 GLY 24 23 23 GLY GLY B . n 
B 1 25 NH2 25 24 24 NH2 NH2 B . n 
# 
loop_
_pdbx_nonpoly_scheme.asym_id 
_pdbx_nonpoly_scheme.entity_id 
_pdbx_nonpoly_scheme.mon_id 
_pdbx_nonpoly_scheme.ndb_seq_num 
_pdbx_nonpoly_scheme.pdb_seq_num 
_pdbx_nonpoly_scheme.auth_seq_num 
_pdbx_nonpoly_scheme.pdb_mon_id 
_pdbx_nonpoly_scheme.auth_mon_id 
_pdbx_nonpoly_scheme.pdb_strand_id 
_pdbx_nonpoly_scheme.pdb_ins_code 
C 2 HOH 1 101 4 HOH HOH A . 
C 2 HOH 2 102 5 HOH HOH A . 
C 2 HOH 3 103 2 HOH HOH A . 
C 2 HOH 4 104 1 HOH HOH A . 
C 2 HOH 5 105 6 HOH HOH A . 
D 2 HOH 1 101 3 HOH HOH B . 
D 2 HOH 2 102 7 HOH HOH B . 
D 2 HOH 3 103 8 HOH HOH B . 
D 2 HOH 4 104 9 HOH HOH B . 
# 
loop_
_pdbx_unobs_or_zero_occ_atoms.id 
_pdbx_unobs_or_zero_occ_atoms.PDB_model_num 
_pdbx_unobs_or_zero_occ_atoms.polymer_flag 
_pdbx_unobs_or_zero_occ_atoms.occupancy_flag 
_pdbx_unobs_or_zero_occ_atoms.auth_asym_id 
_pdbx_unobs_or_zero_occ_atoms.auth_comp_id 
_pdbx_unobs_or_zero_occ_atoms.auth_seq_id 
_pdbx_unobs_or_zero_occ_atoms.PDB_ins_code 
_pdbx_unobs_or_zero_occ_atoms.auth_atom_id 
_pdbx_unobs_or_zero_occ_atoms.label_alt_id 
_pdbx_unobs_or_zero_occ_atoms.label_asym_id 
_pdbx_unobs_or_zero_occ_atoms.label_comp_id 
_pdbx_unobs_or_zero_occ_atoms.label_seq_id 
_pdbx_unobs_or_zero_occ_atoms.label_atom_id 
1  1 Y 1 A GLU 4  ? CG  ? A GLU 5  CG  
2  1 Y 1 A GLU 4  ? CD  ? A GLU 5  CD  
3  1 Y 1 A GLU 4  ? OE1 ? A GLU 5  OE1 
4  1 Y 1 A GLU 4  ? OE2 ? A GLU 5  OE2 
5  1 Y 1 B GLU 4  ? CD  ? B GLU 5  CD  
6  1 Y 1 B GLU 4  ? OE1 ? B GLU 5  OE1 
7  1 Y 1 B GLU 4  ? OE2 ? B GLU 5  OE2 
8  1 Y 1 B LYS 8  ? CG  ? B LYS 9  CG  
9  1 Y 1 B LYS 8  ? CD  ? B LYS 9  CD  
10 1 Y 1 B LYS 8  ? CE  ? B LYS 9  CE  
11 1 Y 1 B LYS 8  ? NZ  ? B LYS 9  NZ  
12 1 Y 1 B GLN 12 ? CG  ? B GLN 13 CG  
13 1 Y 1 B GLN 12 ? CD  ? B GLN 13 CD  
14 1 Y 1 B GLN 12 ? OE1 ? B GLN 13 OE1 
15 1 Y 1 B GLN 12 ? NE2 ? B GLN 13 NE2 
16 1 Y 1 B GLN 16 ? CD  ? B GLN 17 CD  
17 1 Y 1 B GLN 16 ? OE1 ? B GLN 17 OE1 
18 1 Y 1 B GLN 16 ? NE2 ? B GLN 17 NE2 
19 1 Y 1 B LYS 18 ? CE  ? B LYS 19 CE  
20 1 Y 1 B LYS 18 ? NZ  ? B LYS 19 NZ  
21 1 Y 1 B LYS 19 ? CG  ? B LYS 20 CG  
22 1 Y 1 B LYS 19 ? CD  ? B LYS 20 CD  
23 1 Y 1 B LYS 19 ? CE  ? B LYS 20 CE  
24 1 Y 1 B LYS 19 ? NZ  ? B LYS 20 NZ  
# 
loop_
_software.citation_id 
_software.classification 
_software.compiler_name 
_software.compiler_version 
_software.contact_author 
_software.contact_author_email 
_software.date 
_software.description 
_software.dependencies 
_software.hardware 
_software.language 
_software.location 
_software.mods 
_software.name 
_software.os 
_software.os_version 
_software.type 
_software.version 
_software.pdbx_ordinal 
? refinement       ? ? ? ? ? ? ? ? ? ? ? PHENIX  ? ? ? 1.19.2_4158 1 
? 'data reduction' ? ? ? ? ? ? ? ? ? ? ? DIALS   ? ? ? .           2 
? 'data scaling'   ? ? ? ? ? ? ? ? ? ? ? Aimless ? ? ? .           3 
? phasing          ? ? ? ? ? ? ? ? ? ? ? PHASER  ? ? ? .           4 
# 
_cell.angle_alpha                  90.000 
_cell.angle_alpha_esd              ? 
_cell.angle_beta                   90.000 
_cell.angle_beta_esd               ? 
_cell.angle_gamma                  120.000 
_cell.angle_gamma_esd              ? 
_cell.entry_id                     8A3I 
_cell.details                      ? 
_cell.formula_units_Z              ? 
_cell.length_a                     49.028 
_cell.length_a_esd                 ? 
_cell.length_b                     49.028 
_cell.length_b_esd                 ? 
_cell.length_c                     32.618 
_cell.length_c_esd                 ? 
_cell.volume                       ? 
_cell.volume_esd                   ? 
_cell.Z_PDB                        12 
_cell.reciprocal_angle_alpha       ? 
_cell.reciprocal_angle_beta        ? 
_cell.reciprocal_angle_gamma       ? 
_cell.reciprocal_angle_alpha_esd   ? 
_cell.reciprocal_angle_beta_esd    ? 
_cell.reciprocal_angle_gamma_esd   ? 
_cell.reciprocal_length_a          ? 
_cell.reciprocal_length_b          ? 
_cell.reciprocal_length_c          ? 
_cell.reciprocal_length_a_esd      ? 
_cell.reciprocal_length_b_esd      ? 
_cell.reciprocal_length_c_esd      ? 
_cell.pdbx_unique_axis             ? 
_cell.pdbx_esd_method              ? 
# 
_symmetry.entry_id                         8A3I 
_symmetry.cell_setting                     ? 
_symmetry.Int_Tables_number                154 
_symmetry.space_group_name_Hall            ? 
_symmetry.space_group_name_H-M             'P 32 2 1' 
_symmetry.pdbx_full_space_group_name_H-M   ? 
# 
_exptl.absorpt_coefficient_mu     ? 
_exptl.absorpt_correction_T_max   ? 
_exptl.absorpt_correction_T_min   ? 
_exptl.absorpt_correction_type    ? 
_exptl.absorpt_process_details    ? 
_exptl.entry_id                   8A3I 
_exptl.crystals_number            1 
_exptl.details                    ? 
_exptl.method                     'X-RAY DIFFRACTION' 
_exptl.method_details             ? 
# 
_exptl_crystal.colour                       ? 
_exptl_crystal.density_diffrn               ? 
_exptl_crystal.density_Matthews             2.14 
_exptl_crystal.density_method               ? 
_exptl_crystal.density_percent_sol          42.42 
_exptl_crystal.description                  ? 
_exptl_crystal.F_000                        ? 
_exptl_crystal.id                           1 
_exptl_crystal.preparation                  ? 
_exptl_crystal.size_max                     ? 
_exptl_crystal.size_mid                     ? 
_exptl_crystal.size_min                     ? 
_exptl_crystal.size_rad                     ? 
_exptl_crystal.colour_lustre                ? 
_exptl_crystal.colour_modifier              ? 
_exptl_crystal.colour_primary               ? 
_exptl_crystal.density_meas                 ? 
_exptl_crystal.density_meas_esd             ? 
_exptl_crystal.density_meas_gt              ? 
_exptl_crystal.density_meas_lt              ? 
_exptl_crystal.density_meas_temp            ? 
_exptl_crystal.density_meas_temp_esd        ? 
_exptl_crystal.density_meas_temp_gt         ? 
_exptl_crystal.density_meas_temp_lt         ? 
_exptl_crystal.pdbx_crystal_image_url       ? 
_exptl_crystal.pdbx_crystal_image_format    ? 
_exptl_crystal.pdbx_mosaicity               ? 
_exptl_crystal.pdbx_mosaicity_esd           ? 
_exptl_crystal.pdbx_mosaic_method           ? 
_exptl_crystal.pdbx_mosaic_block_size       ? 
_exptl_crystal.pdbx_mosaic_block_size_esd   ? 
# 
_exptl_crystal_grow.apparatus       ? 
_exptl_crystal_grow.atmosphere      ? 
_exptl_crystal_grow.crystal_id      1 
_exptl_crystal_grow.details         ? 
_exptl_crystal_grow.method          'VAPOR DIFFUSION, SITTING DROP' 
_exptl_crystal_grow.method_ref      ? 
_exptl_crystal_grow.pH              7.5 
_exptl_crystal_grow.pressure        ? 
_exptl_crystal_grow.pressure_esd    ? 
_exptl_crystal_grow.seeding         ? 
_exptl_crystal_grow.seeding_ref     ? 
_exptl_crystal_grow.temp            293 
_exptl_crystal_grow.temp_details    ? 
_exptl_crystal_grow.temp_esd        ? 
_exptl_crystal_grow.time            ? 
_exptl_crystal_grow.pdbx_details    
;1.4 M sodium citrate tribasic dihydrate
0.1 M sodium HEPES pH 7.5
;
_exptl_crystal_grow.pdbx_pH_range   ? 
# 
_diffrn.ambient_environment              ? 
_diffrn.ambient_temp                     100 
_diffrn.ambient_temp_details             ? 
_diffrn.ambient_temp_esd                 ? 
_diffrn.crystal_id                       1 
_diffrn.crystal_support                  ? 
_diffrn.crystal_treatment                ? 
_diffrn.details                          ? 
_diffrn.id                               1 
_diffrn.ambient_pressure                 ? 
_diffrn.ambient_pressure_esd             ? 
_diffrn.ambient_pressure_gt              ? 
_diffrn.ambient_pressure_lt              ? 
_diffrn.ambient_temp_gt                  ? 
_diffrn.ambient_temp_lt                  ? 
_diffrn.pdbx_serial_crystal_experiment   N 
# 
_diffrn_detector.details                      ? 
_diffrn_detector.detector                     PIXEL 
_diffrn_detector.diffrn_id                    1 
_diffrn_detector.type                         'DECTRIS PILATUS3 6M' 
_diffrn_detector.area_resol_mean              ? 
_diffrn_detector.dtime                        ? 
_diffrn_detector.pdbx_frames_total            ? 
_diffrn_detector.pdbx_collection_time_total   ? 
_diffrn_detector.pdbx_collection_date         2021-11-07 
_diffrn_detector.pdbx_frequency               ? 
# 
_diffrn_radiation.collimation                      ? 
_diffrn_radiation.diffrn_id                        1 
_diffrn_radiation.filter_edge                      ? 
_diffrn_radiation.inhomogeneity                    ? 
_diffrn_radiation.monochromator                    ? 
_diffrn_radiation.polarisn_norm                    ? 
_diffrn_radiation.polarisn_ratio                   ? 
_diffrn_radiation.probe                            ? 
_diffrn_radiation.type                             ? 
_diffrn_radiation.xray_symbol                      ? 
_diffrn_radiation.wavelength_id                    1 
_diffrn_radiation.pdbx_monochromatic_or_laue_m_l   M 
_diffrn_radiation.pdbx_wavelength_list             ? 
_diffrn_radiation.pdbx_wavelength                  ? 
_diffrn_radiation.pdbx_diffrn_protocol             'SINGLE WAVELENGTH' 
_diffrn_radiation.pdbx_analyzer                    ? 
_diffrn_radiation.pdbx_scattering_type             x-ray 
# 
_diffrn_radiation_wavelength.id           1 
_diffrn_radiation_wavelength.wavelength   0.9253 
_diffrn_radiation_wavelength.wt           1.0 
# 
_diffrn_source.current                     ? 
_diffrn_source.details                     ? 
_diffrn_source.diffrn_id                   1 
_diffrn_source.power                       ? 
_diffrn_source.size                        ? 
_diffrn_source.source                      SYNCHROTRON 
_diffrn_source.target                      ? 
_diffrn_source.type                        'ESRF BEAMLINE ID30B' 
_diffrn_source.voltage                     ? 
_diffrn_source.take-off_angle              ? 
_diffrn_source.pdbx_wavelength_list        0.9253 
_diffrn_source.pdbx_wavelength             ? 
_diffrn_source.pdbx_synchrotron_beamline   ID30B 
_diffrn_source.pdbx_synchrotron_site       ESRF 
# 
_reflns.B_iso_Wilson_estimate                          16.640 
_reflns.entry_id                                       8A3I 
_reflns.data_reduction_details                         ? 
_reflns.data_reduction_method                          ? 
_reflns.d_resolution_high                              1.400 
_reflns.d_resolution_low                               42.460 
_reflns.details                                        ? 
_reflns.limit_h_max                                    ? 
_reflns.limit_h_min                                    ? 
_reflns.limit_k_max                                    ? 
_reflns.limit_k_min                                    ? 
_reflns.limit_l_max                                    ? 
_reflns.limit_l_min                                    ? 
_reflns.number_all                                     ? 
_reflns.number_obs                                     8997 
_reflns.observed_criterion                             ? 
_reflns.observed_criterion_F_max                       ? 
_reflns.observed_criterion_F_min                       ? 
_reflns.observed_criterion_I_max                       ? 
_reflns.observed_criterion_I_min                       ? 
_reflns.observed_criterion_sigma_F                     ? 
_reflns.observed_criterion_sigma_I                     ? 
_reflns.percent_possible_obs                           98.100 
_reflns.R_free_details                                 ? 
_reflns.Rmerge_F_all                                   ? 
_reflns.Rmerge_F_obs                                   ? 
_reflns.Friedel_coverage                               ? 
_reflns.number_gt                                      ? 
_reflns.threshold_expression                           ? 
_reflns.pdbx_redundancy                                3.100 
_reflns.pdbx_Rmerge_I_obs                              0.031 
_reflns.pdbx_Rmerge_I_all                              ? 
_reflns.pdbx_Rsym_value                                ? 
_reflns.pdbx_netI_over_av_sigmaI                       ? 
_reflns.pdbx_netI_over_sigmaI                          15.200 
_reflns.pdbx_res_netI_over_av_sigmaI_2                 ? 
_reflns.pdbx_res_netI_over_sigmaI_2                    ? 
_reflns.pdbx_chi_squared                               ? 
_reflns.pdbx_scaling_rejects                           1221 
_reflns.pdbx_d_res_high_opt                            ? 
_reflns.pdbx_d_res_low_opt                             ? 
_reflns.pdbx_d_res_opt_method                          ? 
_reflns.phase_calculation_details                      ? 
_reflns.pdbx_Rrim_I_all                                0.038 
_reflns.pdbx_Rpim_I_all                                0.021 
_reflns.pdbx_d_opt                                     ? 
_reflns.pdbx_number_measured_all                       27514 
_reflns.pdbx_diffrn_id                                 1 
_reflns.pdbx_ordinal                                   1 
_reflns.pdbx_CC_half                                   0.995 
_reflns.pdbx_CC_star                                   ? 
_reflns.pdbx_R_split                                   ? 
_reflns.pdbx_aniso_diffraction_limit_axis_1_ortho[1]   ? 
_reflns.pdbx_aniso_diffraction_limit_axis_1_ortho[2]   ? 
_reflns.pdbx_aniso_diffraction_limit_axis_1_ortho[3]   ? 
_reflns.pdbx_aniso_diffraction_limit_axis_2_ortho[1]   ? 
_reflns.pdbx_aniso_diffraction_limit_axis_2_ortho[2]   ? 
_reflns.pdbx_aniso_diffraction_limit_axis_2_ortho[3]   ? 
_reflns.pdbx_aniso_diffraction_limit_axis_3_ortho[1]   ? 
_reflns.pdbx_aniso_diffraction_limit_axis_3_ortho[2]   ? 
_reflns.pdbx_aniso_diffraction_limit_axis_3_ortho[3]   ? 
_reflns.pdbx_aniso_diffraction_limit_1                 ? 
_reflns.pdbx_aniso_diffraction_limit_2                 ? 
_reflns.pdbx_aniso_diffraction_limit_3                 ? 
_reflns.pdbx_aniso_B_tensor_eigenvector_1_ortho[1]     ? 
_reflns.pdbx_aniso_B_tensor_eigenvector_1_ortho[2]     ? 
_reflns.pdbx_aniso_B_tensor_eigenvector_1_ortho[3]     ? 
_reflns.pdbx_aniso_B_tensor_eigenvector_2_ortho[1]     ? 
_reflns.pdbx_aniso_B_tensor_eigenvector_2_ortho[2]     ? 
_reflns.pdbx_aniso_B_tensor_eigenvector_2_ortho[3]     ? 
_reflns.pdbx_aniso_B_tensor_eigenvector_3_ortho[1]     ? 
_reflns.pdbx_aniso_B_tensor_eigenvector_3_ortho[2]     ? 
_reflns.pdbx_aniso_B_tensor_eigenvector_3_ortho[3]     ? 
_reflns.pdbx_aniso_B_tensor_eigenvalue_1               ? 
_reflns.pdbx_aniso_B_tensor_eigenvalue_2               ? 
_reflns.pdbx_aniso_B_tensor_eigenvalue_3               ? 
_reflns.pdbx_orthogonalization_convention              ? 
_reflns.pdbx_percent_possible_ellipsoidal              ? 
_reflns.pdbx_percent_possible_spherical                ? 
_reflns.pdbx_percent_possible_ellipsoidal_anomalous    ? 
_reflns.pdbx_percent_possible_spherical_anomalous      ? 
_reflns.pdbx_redundancy_anomalous                      ? 
_reflns.pdbx_CC_half_anomalous                         ? 
_reflns.pdbx_absDiff_over_sigma_anomalous              ? 
_reflns.pdbx_percent_possible_anomalous                ? 
_reflns.pdbx_observed_signal_threshold                 ? 
_reflns.pdbx_signal_type                               ? 
_reflns.pdbx_signal_details                            ? 
_reflns.pdbx_signal_software_id                        ? 
_reflns.pdbx_CC_split_method                           ? 
# 
loop_
_reflns_shell.d_res_high 
_reflns_shell.d_res_low 
_reflns_shell.meanI_over_sigI_all 
_reflns_shell.meanI_over_sigI_obs 
_reflns_shell.number_measured_all 
_reflns_shell.number_measured_obs 
_reflns_shell.number_possible 
_reflns_shell.number_unique_all 
_reflns_shell.number_unique_obs 
_reflns_shell.percent_possible_all 
_reflns_shell.percent_possible_obs 
_reflns_shell.Rmerge_F_all 
_reflns_shell.Rmerge_F_obs 
_reflns_shell.Rmerge_I_all 
_reflns_shell.Rmerge_I_obs 
_reflns_shell.meanI_over_sigI_gt 
_reflns_shell.meanI_over_uI_all 
_reflns_shell.meanI_over_uI_gt 
_reflns_shell.number_measured_gt 
_reflns_shell.number_unique_gt 
_reflns_shell.percent_possible_gt 
_reflns_shell.Rmerge_F_gt 
_reflns_shell.Rmerge_I_gt 
_reflns_shell.pdbx_redundancy 
_reflns_shell.pdbx_Rsym_value 
_reflns_shell.pdbx_chi_squared 
_reflns_shell.pdbx_netI_over_sigmaI_all 
_reflns_shell.pdbx_netI_over_sigmaI_obs 
_reflns_shell.pdbx_Rrim_I_all 
_reflns_shell.pdbx_Rpim_I_all 
_reflns_shell.pdbx_rejects 
_reflns_shell.pdbx_ordinal 
_reflns_shell.pdbx_diffrn_id 
_reflns_shell.pdbx_CC_half 
_reflns_shell.pdbx_CC_star 
_reflns_shell.pdbx_R_split 
_reflns_shell.pdbx_percent_possible_ellipsoidal 
_reflns_shell.pdbx_percent_possible_spherical 
_reflns_shell.pdbx_percent_possible_ellipsoidal_anomalous 
_reflns_shell.pdbx_percent_possible_spherical_anomalous 
_reflns_shell.pdbx_redundancy_anomalous 
_reflns_shell.pdbx_CC_half_anomalous 
_reflns_shell.pdbx_absDiff_over_sigma_anomalous 
_reflns_shell.pdbx_percent_possible_anomalous 
1.400 1.420  ? ? 1143 ? ? ? 429 95.900 ? ? ? ? 0.396 ? ? ? ? ? ? ? ? 2.700 ? ? ? 1.700  0.501 0.299 ? 1 1 0.505 ? ? ? ? ? ? ? ? ? 
? 
7.670 42.460 ? ? 191  ? ? ? 70  96.800 ? ? ? ? 0.047 ? ? ? ? ? ? ? ? 2.700 ? ? ? 38.100 0.061 0.039 ? 2 1 0.969 ? ? ? ? ? ? ? ? ? 
? 
# 
_refine.aniso_B[1][1]                            ? 
_refine.aniso_B[1][2]                            ? 
_refine.aniso_B[1][3]                            ? 
_refine.aniso_B[2][2]                            ? 
_refine.aniso_B[2][3]                            ? 
_refine.aniso_B[3][3]                            ? 
_refine.B_iso_max                                74.160 
_refine.B_iso_mean                               28.4230 
_refine.B_iso_min                                12.220 
_refine.correlation_coeff_Fo_to_Fc               ? 
_refine.correlation_coeff_Fo_to_Fc_free          ? 
_refine.details                                  ? 
_refine.diff_density_max                         ? 
_refine.diff_density_max_esd                     ? 
_refine.diff_density_min                         ? 
_refine.diff_density_min_esd                     ? 
_refine.diff_density_rms                         ? 
_refine.diff_density_rms_esd                     ? 
_refine.entry_id                                 8A3I 
_refine.pdbx_refine_id                           'X-RAY DIFFRACTION' 
_refine.ls_abs_structure_details                 ? 
_refine.ls_abs_structure_Flack                   ? 
_refine.ls_abs_structure_Flack_esd               ? 
_refine.ls_abs_structure_Rogers                  ? 
_refine.ls_abs_structure_Rogers_esd              ? 
_refine.ls_d_res_high                            1.4200 
_refine.ls_d_res_low                             42.4600 
_refine.ls_extinction_coef                       ? 
_refine.ls_extinction_coef_esd                   ? 
_refine.ls_extinction_expression                 ? 
_refine.ls_extinction_method                     ? 
_refine.ls_goodness_of_fit_all                   ? 
_refine.ls_goodness_of_fit_all_esd               ? 
_refine.ls_goodness_of_fit_obs                   ? 
_refine.ls_goodness_of_fit_obs_esd               ? 
_refine.ls_hydrogen_treatment                    ? 
_refine.ls_matrix_type                           ? 
_refine.ls_number_constraints                    ? 
_refine.ls_number_parameters                     ? 
_refine.ls_number_reflns_all                     ? 
_refine.ls_number_reflns_obs                     8586 
_refine.ls_number_reflns_R_free                  425 
_refine.ls_number_reflns_R_work                  8161 
_refine.ls_number_restraints                     ? 
_refine.ls_percent_reflns_obs                    97.3800 
_refine.ls_percent_reflns_R_free                 4.9500 
_refine.ls_R_factor_all                          ? 
_refine.ls_R_factor_obs                          0.2014 
_refine.ls_R_factor_R_free                       0.2319 
_refine.ls_R_factor_R_free_error                 ? 
_refine.ls_R_factor_R_free_error_details         ? 
_refine.ls_R_factor_R_work                       0.1995 
_refine.ls_R_Fsqd_factor_obs                     ? 
_refine.ls_R_I_factor_obs                        ? 
_refine.ls_redundancy_reflns_all                 ? 
_refine.ls_redundancy_reflns_obs                 ? 
_refine.ls_restrained_S_all                      ? 
_refine.ls_restrained_S_obs                      ? 
_refine.ls_shift_over_esd_max                    ? 
_refine.ls_shift_over_esd_mean                   ? 
_refine.ls_structure_factor_coef                 ? 
_refine.ls_weighting_details                     ? 
_refine.ls_weighting_scheme                      ? 
_refine.ls_wR_factor_all                         ? 
_refine.ls_wR_factor_obs                         ? 
_refine.ls_wR_factor_R_free                      ? 
_refine.ls_wR_factor_R_work                      ? 
_refine.occupancy_max                            ? 
_refine.occupancy_min                            ? 
_refine.solvent_model_details                    'FLAT BULK SOLVENT MODEL' 
_refine.solvent_model_param_bsol                 ? 
_refine.solvent_model_param_ksol                 ? 
_refine.pdbx_R_complete                          ? 
_refine.ls_R_factor_gt                           ? 
_refine.ls_goodness_of_fit_gt                    ? 
_refine.ls_goodness_of_fit_ref                   ? 
_refine.ls_shift_over_su_max                     ? 
_refine.ls_shift_over_su_max_lt                  ? 
_refine.ls_shift_over_su_mean                    ? 
_refine.ls_shift_over_su_mean_lt                 ? 
_refine.pdbx_ls_sigma_I                          ? 
_refine.pdbx_ls_sigma_F                          1.400 
_refine.pdbx_ls_sigma_Fsqd                       ? 
_refine.pdbx_data_cutoff_high_absF               ? 
_refine.pdbx_data_cutoff_high_rms_absF           ? 
_refine.pdbx_data_cutoff_low_absF                ? 
_refine.pdbx_isotropic_thermal_model             ? 
_refine.pdbx_ls_cross_valid_method               THROUGHOUT 
_refine.pdbx_method_to_determine_struct          'MOLECULAR REPLACEMENT' 
_refine.pdbx_starting_model                      'AlphaFold model' 
_refine.pdbx_stereochemistry_target_values       ML 
_refine.pdbx_R_Free_selection_details            ? 
_refine.pdbx_stereochem_target_val_spec_case     ? 
_refine.pdbx_overall_ESU_R                       ? 
_refine.pdbx_overall_ESU_R_Free                  ? 
_refine.pdbx_solvent_vdw_probe_radii             1.1100 
_refine.pdbx_solvent_ion_probe_radii             ? 
_refine.pdbx_solvent_shrinkage_radii             0.9000 
_refine.pdbx_real_space_R                        ? 
_refine.pdbx_density_correlation                 ? 
_refine.pdbx_pd_number_of_powder_patterns        ? 
_refine.pdbx_pd_number_of_points                 ? 
_refine.pdbx_pd_meas_number_of_points            ? 
_refine.pdbx_pd_proc_ls_prof_R_factor            ? 
_refine.pdbx_pd_proc_ls_prof_wR_factor           ? 
_refine.pdbx_pd_Marquardt_correlation_coeff      ? 
_refine.pdbx_pd_Fsqrd_R_factor                   ? 
_refine.pdbx_pd_ls_matrix_band_width             ? 
_refine.pdbx_overall_phase_error                 30.6000 
_refine.pdbx_overall_SU_R_free_Cruickshank_DPI   ? 
_refine.pdbx_overall_SU_R_free_Blow_DPI          ? 
_refine.pdbx_overall_SU_R_Blow_DPI               ? 
_refine.pdbx_TLS_residual_ADP_flag               ? 
_refine.pdbx_diffrn_id                           1 
_refine.overall_SU_B                             ? 
_refine.overall_SU_ML                            0.1500 
_refine.overall_SU_R_Cruickshank_DPI             ? 
_refine.overall_SU_R_free                        ? 
_refine.overall_FOM_free_R_set                   ? 
_refine.overall_FOM_work_R_set                   ? 
_refine.pdbx_average_fsc_overall                 ? 
_refine.pdbx_average_fsc_work                    ? 
_refine.pdbx_average_fsc_free                    ? 
# 
_refine_hist.pdbx_refine_id                   'X-RAY DIFFRACTION' 
_refine_hist.cycle_id                         final 
_refine_hist.details                          ? 
_refine_hist.d_res_high                       1.4200 
_refine_hist.d_res_low                        42.4600 
_refine_hist.number_atoms_solvent             9 
_refine_hist.number_atoms_total               361 
_refine_hist.number_reflns_all                ? 
_refine_hist.number_reflns_obs                ? 
_refine_hist.number_reflns_R_free             ? 
_refine_hist.number_reflns_R_work             ? 
_refine_hist.R_factor_all                     ? 
_refine_hist.R_factor_obs                     ? 
_refine_hist.R_factor_R_free                  ? 
_refine_hist.R_factor_R_work                  ? 
_refine_hist.pdbx_number_residues_total       50 
_refine_hist.pdbx_B_iso_mean_ligand           ? 
_refine_hist.pdbx_B_iso_mean_solvent          38.03 
_refine_hist.pdbx_number_atoms_protein        352 
_refine_hist.pdbx_number_atoms_nucleic_acid   0 
_refine_hist.pdbx_number_atoms_ligand         0 
_refine_hist.pdbx_number_atoms_lipid          ? 
_refine_hist.pdbx_number_atoms_carb           ? 
_refine_hist.pdbx_pseudo_atom_details         ? 
# 
loop_
_refine_ls_shell.pdbx_refine_id 
_refine_ls_shell.d_res_high 
_refine_ls_shell.d_res_low 
_refine_ls_shell.number_reflns_all 
_refine_ls_shell.number_reflns_obs 
_refine_ls_shell.number_reflns_R_free 
_refine_ls_shell.number_reflns_R_work 
_refine_ls_shell.percent_reflns_obs 
_refine_ls_shell.percent_reflns_R_free 
_refine_ls_shell.R_factor_all 
_refine_ls_shell.R_factor_obs 
_refine_ls_shell.R_factor_R_free 
_refine_ls_shell.R_factor_R_free_error 
_refine_ls_shell.R_factor_R_work 
_refine_ls_shell.redundancy_reflns_all 
_refine_ls_shell.redundancy_reflns_obs 
_refine_ls_shell.wR_factor_all 
_refine_ls_shell.wR_factor_obs 
_refine_ls_shell.wR_factor_R_free 
_refine_ls_shell.wR_factor_R_work 
_refine_ls_shell.pdbx_R_complete 
_refine_ls_shell.pdbx_total_number_of_bins_used 
_refine_ls_shell.pdbx_phase_error 
_refine_ls_shell.pdbx_fsc_work 
_refine_ls_shell.pdbx_fsc_free 
'X-RAY DIFFRACTION' 1.4200 1.6300  2779 . 141 2638 96.0000 . . . 0.3020 0.0000 0.2202 . . . . . . . 3 . . . 
'X-RAY DIFFRACTION' 1.6300 2.0500  2854 . 100 2754 98.0000 . . . 0.2359 0.0000 0.2256 . . . . . . . 3 . . . 
'X-RAY DIFFRACTION' 2.0500 42.4600 2953 . 184 2769 98.0000 . . . 0.2235 0.0000 0.1887 . . . . . . . 3 . . . 
# 
_struct.entry_id                     8A3I 
_struct.title                        
'X-ray crystal structure of a de novo designed antiparallel coiled-coil homotetramer with 3 heptad repeats, apCC-Tet*3' 
_struct.pdbx_model_details           ? 
_struct.pdbx_formula_weight          ? 
_struct.pdbx_formula_weight_method   ? 
_struct.pdbx_model_type_details      ? 
_struct.pdbx_CASP_flag               N 
# 
_struct_keywords.entry_id        8A3I 
_struct_keywords.text            'coiled coil, 4-helix bundle, de novo protein design, peptide assembly, DE NOVO PROTEIN' 
_struct_keywords.pdbx_keywords   'DE NOVO PROTEIN' 
# 
loop_
_struct_asym.id 
_struct_asym.pdbx_blank_PDB_chainid_flag 
_struct_asym.pdbx_modified 
_struct_asym.entity_id 
_struct_asym.details 
A N N 1 ? 
B N N 1 ? 
C N N 2 ? 
D N N 2 ? 
# 
_struct_ref.id                         1 
_struct_ref.db_name                    PDB 
_struct_ref.db_code                    8A3I 
_struct_ref.pdbx_db_accession          8A3I 
_struct_ref.pdbx_db_isoform            ? 
_struct_ref.entity_id                  1 
_struct_ref.pdbx_seq_one_letter_code   ? 
_struct_ref.pdbx_align_begin           1 
# 
loop_
_struct_ref_seq.align_id 
_struct_ref_seq.ref_id 
_struct_ref_seq.pdbx_PDB_id_code 
_struct_ref_seq.pdbx_strand_id 
_struct_ref_seq.seq_align_beg 
_struct_ref_seq.pdbx_seq_align_beg_ins_code 
_struct_ref_seq.seq_align_end 
_struct_ref_seq.pdbx_seq_align_end_ins_code 
_struct_ref_seq.pdbx_db_accession 
_struct_ref_seq.db_align_beg 
_struct_ref_seq.pdbx_db_align_beg_ins_code 
_struct_ref_seq.db_align_end 
_struct_ref_seq.pdbx_db_align_end_ins_code 
_struct_ref_seq.pdbx_auth_seq_align_beg 
_struct_ref_seq.pdbx_auth_seq_align_end 
1 1 8A3I A 1 ? 25 ? 8A3I 0 ? 24 ? 0 24 
2 1 8A3I B 1 ? 25 ? 8A3I 0 ? 24 ? 0 24 
# 
_pdbx_struct_assembly.id                   1 
_pdbx_struct_assembly.details              author_and_software_defined_assembly 
_pdbx_struct_assembly.method_details       PISA 
_pdbx_struct_assembly.oligomeric_details   tetrameric 
_pdbx_struct_assembly.oligomeric_count     4 
# 
loop_
_pdbx_struct_assembly_prop.biol_id 
_pdbx_struct_assembly_prop.type 
_pdbx_struct_assembly_prop.value 
_pdbx_struct_assembly_prop.details 
1 'ABSA (A^2)' 4740 ? 
1 MORE         -50  ? 
1 'SSA (A^2)'  5600 ? 
# 
_pdbx_struct_assembly_gen.assembly_id       1 
_pdbx_struct_assembly_gen.oper_expression   1,2 
_pdbx_struct_assembly_gen.asym_id_list      A,B,C,D 
# 
_pdbx_struct_assembly_auth_evidence.id                     1 
_pdbx_struct_assembly_auth_evidence.assembly_id            1 
_pdbx_struct_assembly_auth_evidence.experimental_support   'equilibrium centrifugation' 
_pdbx_struct_assembly_auth_evidence.details                ? 
# 
loop_
_pdbx_struct_oper_list.id 
_pdbx_struct_oper_list.type 
_pdbx_struct_oper_list.name 
_pdbx_struct_oper_list.symmetry_operation 
_pdbx_struct_oper_list.matrix[1][1] 
_pdbx_struct_oper_list.matrix[1][2] 
_pdbx_struct_oper_list.matrix[1][3] 
_pdbx_struct_oper_list.vector[1] 
_pdbx_struct_oper_list.matrix[2][1] 
_pdbx_struct_oper_list.matrix[2][2] 
_pdbx_struct_oper_list.matrix[2][3] 
_pdbx_struct_oper_list.vector[2] 
_pdbx_struct_oper_list.matrix[3][1] 
_pdbx_struct_oper_list.matrix[3][2] 
_pdbx_struct_oper_list.matrix[3][3] 
_pdbx_struct_oper_list.vector[3] 
1 'identity operation'         1_555 x,y,z  1.0000000000  0.0000000000 0.0000000000  0.0000000000  0.0000000000 1.0000000000  0.0000000000  0.0000000000 0.0000000000  0.0000000000  1.0000000000 0.0000000000  
2 'crystal symmetry operation' 4_555 y,x,-z -0.4395575770 0.1351479946 -0.8879888265 -4.7177693855 0.1351479946 -0.9674097112 -0.2141342344 6.2184049753 -0.8879888265 -0.2141342344 0.4069672882 -2.0311439618 
# 
loop_
_struct_conf.conf_type_id 
_struct_conf.id 
_struct_conf.pdbx_PDB_helix_id 
_struct_conf.beg_label_comp_id 
_struct_conf.beg_label_asym_id 
_struct_conf.beg_label_seq_id 
_struct_conf.pdbx_beg_PDB_ins_code 
_struct_conf.end_label_comp_id 
_struct_conf.end_label_asym_id 
_struct_conf.end_label_seq_id 
_struct_conf.pdbx_end_PDB_ins_code 
_struct_conf.beg_auth_comp_id 
_struct_conf.beg_auth_asym_id 
_struct_conf.beg_auth_seq_id 
_struct_conf.end_auth_comp_id 
_struct_conf.end_auth_asym_id 
_struct_conf.end_auth_seq_id 
_struct_conf.pdbx_PDB_helix_class 
_struct_conf.details 
_struct_conf.pdbx_PDB_helix_length 
HELX_P HELX_P1 AA1 GLY A 2 ? GLY A 24 ? GLY A 1 GLY A 23 1 ? 23 
HELX_P HELX_P2 AA2 GLY B 2 ? GLY B 24 ? GLY B 1 GLY B 23 1 ? 23 
# 
_struct_conf_type.id          HELX_P 
_struct_conf_type.criteria    ? 
_struct_conf_type.reference   ? 
# 
loop_
_struct_conn.id 
_struct_conn.conn_type_id 
_struct_conn.pdbx_leaving_atom_flag 
_struct_conn.pdbx_PDB_id 
_struct_conn.ptnr1_label_asym_id 
_struct_conn.ptnr1_label_comp_id 
_struct_conn.ptnr1_label_seq_id 
_struct_conn.ptnr1_label_atom_id 
_struct_conn.pdbx_ptnr1_label_alt_id 
_struct_conn.pdbx_ptnr1_PDB_ins_code 
_struct_conn.pdbx_ptnr1_standard_comp_id 
_struct_conn.ptnr1_symmetry 
_struct_conn.ptnr2_label_asym_id 
_struct_conn.ptnr2_label_comp_id 
_struct_conn.ptnr2_label_seq_id 
_struct_conn.ptnr2_label_atom_id 
_struct_conn.pdbx_ptnr2_label_alt_id 
_struct_conn.pdbx_ptnr2_PDB_ins_code 
_struct_conn.ptnr1_auth_asym_id 
_struct_conn.ptnr1_auth_comp_id 
_struct_conn.ptnr1_auth_seq_id 
_struct_conn.ptnr2_auth_asym_id 
_struct_conn.ptnr2_auth_comp_id 
_struct_conn.ptnr2_auth_seq_id 
_struct_conn.ptnr2_symmetry 
_struct_conn.pdbx_ptnr3_label_atom_id 
_struct_conn.pdbx_ptnr3_label_seq_id 
_struct_conn.pdbx_ptnr3_label_comp_id 
_struct_conn.pdbx_ptnr3_label_asym_id 
_struct_conn.pdbx_ptnr3_label_alt_id 
_struct_conn.pdbx_ptnr3_PDB_ins_code 
_struct_conn.details 
_struct_conn.pdbx_dist_value 
_struct_conn.pdbx_value_order 
_struct_conn.pdbx_role 
covale1 covale both ? A ACE 1  C ? ? ? 1_555 A GLY 2  N ? ? A ACE 0  A GLY 1  1_555 ? ? ? ? ? ? ? 1.354 ? ? 
covale2 covale both ? A GLY 24 C ? ? ? 1_555 A NH2 25 N ? ? A GLY 23 A NH2 24 1_555 ? ? ? ? ? ? ? 1.330 ? ? 
covale3 covale both ? B ACE 1  C ? ? ? 1_555 B GLY 2  N ? ? B ACE 0  B GLY 1  1_555 ? ? ? ? ? ? ? 1.352 ? ? 
covale4 covale both ? B GLY 24 C ? ? ? 1_555 B NH2 25 N ? ? B GLY 23 B NH2 24 1_555 ? ? ? ? ? ? ? 1.328 ? ? 
# 
_struct_conn_type.id          covale 
_struct_conn_type.criteria    ? 
_struct_conn_type.reference   ? 
# 
loop_
_pdbx_modification_feature.ordinal 
_pdbx_modification_feature.label_comp_id 
_pdbx_modification_feature.label_asym_id 
_pdbx_modification_feature.label_seq_id 
_pdbx_modification_feature.label_alt_id 
_pdbx_modification_feature.modified_residue_label_comp_id 
_pdbx_modification_feature.modified_residue_label_asym_id 
_pdbx_modification_feature.modified_residue_label_seq_id 
_pdbx_modification_feature.modified_residue_label_alt_id 
_pdbx_modification_feature.auth_comp_id 
_pdbx_modification_feature.auth_asym_id 
_pdbx_modification_feature.auth_seq_id 
_pdbx_modification_feature.PDB_ins_code 
_pdbx_modification_feature.symmetry 
_pdbx_modification_feature.modified_residue_auth_comp_id 
_pdbx_modification_feature.modified_residue_auth_asym_id 
_pdbx_modification_feature.modified_residue_auth_seq_id 
_pdbx_modification_feature.modified_residue_PDB_ins_code 
_pdbx_modification_feature.modified_residue_symmetry 
_pdbx_modification_feature.comp_id_linking_atom 
_pdbx_modification_feature.modified_residue_id_linking_atom 
_pdbx_modification_feature.modified_residue_id 
_pdbx_modification_feature.ref_pcm_id 
_pdbx_modification_feature.ref_comp_id 
_pdbx_modification_feature.type 
_pdbx_modification_feature.category 
1 ACE A 1  ? GLY A 2  ? ACE A 0  ? 1_555 GLY A 1  ? 1_555 . . GLY 12 ACE None 'Terminal acetylation' 
2 ACE B 1  ? GLY B 2  ? ACE B 0  ? 1_555 GLY B 1  ? 1_555 . . GLY 12 ACE None 'Terminal acetylation' 
3 NH2 A 25 ? GLY A 24 ? NH2 A 24 ? 1_555 GLY A 23 ? 1_555 . . GLY 12 NH2 None 'Terminal amidation'   
4 NH2 B 25 ? GLY B 24 ? NH2 B 24 ? 1_555 GLY B 23 ? 1_555 . . GLY 12 NH2 None 'Terminal amidation'   
# 
_pdbx_entry_details.entry_id                   8A3I 
_pdbx_entry_details.has_ligand_of_interest     N 
_pdbx_entry_details.compound_details           ? 
_pdbx_entry_details.source_details             ? 
_pdbx_entry_details.nonpolymer_details         ? 
_pdbx_entry_details.sequence_details           ? 
_pdbx_entry_details.has_protein_modification   Y 
# 
loop_
_space_group_symop.id 
_space_group_symop.operation_xyz 
1 x,y,z          
2 -y,x-y,z+2/3   
3 -x+y,-x,z+1/3  
4 x-y,-y,-z+1/3  
5 -x,-x+y,-z+2/3 
6 y,x,-z         
# 
loop_
_chem_comp_atom.comp_id 
_chem_comp_atom.atom_id 
_chem_comp_atom.type_symbol 
_chem_comp_atom.pdbx_aromatic_flag 
_chem_comp_atom.pdbx_stereo_config 
_chem_comp_atom.pdbx_ordinal 
ACE C    C N N 1   
ACE O    O N N 2   
ACE CH3  C N N 3   
ACE H    H N N 4   
ACE H1   H N N 5   
ACE H2   H N N 6   
ACE H3   H N N 7   
ALA N    N N N 8   
ALA CA   C N S 9   
ALA C    C N N 10  
ALA O    O N N 11  
ALA CB   C N N 12  
ALA OXT  O N N 13  
ALA H    H N N 14  
ALA H2   H N N 15  
ALA HA   H N N 16  
ALA HB1  H N N 17  
ALA HB2  H N N 18  
ALA HB3  H N N 19  
ALA HXT  H N N 20  
GLN N    N N N 21  
GLN CA   C N S 22  
GLN C    C N N 23  
GLN O    O N N 24  
GLN CB   C N N 25  
GLN CG   C N N 26  
GLN CD   C N N 27  
GLN OE1  O N N 28  
GLN NE2  N N N 29  
GLN OXT  O N N 30  
GLN H    H N N 31  
GLN H2   H N N 32  
GLN HA   H N N 33  
GLN HB2  H N N 34  
GLN HB3  H N N 35  
GLN HG2  H N N 36  
GLN HG3  H N N 37  
GLN HE21 H N N 38  
GLN HE22 H N N 39  
GLN HXT  H N N 40  
GLU N    N N N 41  
GLU CA   C N S 42  
GLU C    C N N 43  
GLU O    O N N 44  
GLU CB   C N N 45  
GLU CG   C N N 46  
GLU CD   C N N 47  
GLU OE1  O N N 48  
GLU OE2  O N N 49  
GLU OXT  O N N 50  
GLU H    H N N 51  
GLU H2   H N N 52  
GLU HA   H N N 53  
GLU HB2  H N N 54  
GLU HB3  H N N 55  
GLU HG2  H N N 56  
GLU HG3  H N N 57  
GLU HE2  H N N 58  
GLU HXT  H N N 59  
GLY N    N N N 60  
GLY CA   C N N 61  
GLY C    C N N 62  
GLY O    O N N 63  
GLY OXT  O N N 64  
GLY H    H N N 65  
GLY H2   H N N 66  
GLY HA2  H N N 67  
GLY HA3  H N N 68  
GLY HXT  H N N 69  
HOH O    O N N 70  
HOH H1   H N N 71  
HOH H2   H N N 72  
ILE N    N N N 73  
ILE CA   C N S 74  
ILE C    C N N 75  
ILE O    O N N 76  
ILE CB   C N S 77  
ILE CG1  C N N 78  
ILE CG2  C N N 79  
ILE CD1  C N N 80  
ILE OXT  O N N 81  
ILE H    H N N 82  
ILE H2   H N N 83  
ILE HA   H N N 84  
ILE HB   H N N 85  
ILE HG12 H N N 86  
ILE HG13 H N N 87  
ILE HG21 H N N 88  
ILE HG22 H N N 89  
ILE HG23 H N N 90  
ILE HD11 H N N 91  
ILE HD12 H N N 92  
ILE HD13 H N N 93  
ILE HXT  H N N 94  
LEU N    N N N 95  
LEU CA   C N S 96  
LEU C    C N N 97  
LEU O    O N N 98  
LEU CB   C N N 99  
LEU CG   C N N 100 
LEU CD1  C N N 101 
LEU CD2  C N N 102 
LEU OXT  O N N 103 
LEU H    H N N 104 
LEU H2   H N N 105 
LEU HA   H N N 106 
LEU HB2  H N N 107 
LEU HB3  H N N 108 
LEU HG   H N N 109 
LEU HD11 H N N 110 
LEU HD12 H N N 111 
LEU HD13 H N N 112 
LEU HD21 H N N 113 
LEU HD22 H N N 114 
LEU HD23 H N N 115 
LEU HXT  H N N 116 
LYS N    N N N 117 
LYS CA   C N S 118 
LYS C    C N N 119 
LYS O    O N N 120 
LYS CB   C N N 121 
LYS CG   C N N 122 
LYS CD   C N N 123 
LYS CE   C N N 124 
LYS NZ   N N N 125 
LYS OXT  O N N 126 
LYS H    H N N 127 
LYS H2   H N N 128 
LYS HA   H N N 129 
LYS HB2  H N N 130 
LYS HB3  H N N 131 
LYS HG2  H N N 132 
LYS HG3  H N N 133 
LYS HD2  H N N 134 
LYS HD3  H N N 135 
LYS HE2  H N N 136 
LYS HE3  H N N 137 
LYS HZ1  H N N 138 
LYS HZ2  H N N 139 
LYS HZ3  H N N 140 
LYS HXT  H N N 141 
NH2 N    N N N 142 
NH2 HN1  H N N 143 
NH2 HN2  H N N 144 
TRP N    N N N 145 
TRP CA   C N S 146 
TRP C    C N N 147 
TRP O    O N N 148 
TRP CB   C N N 149 
TRP CG   C Y N 150 
TRP CD1  C Y N 151 
TRP CD2  C Y N 152 
TRP NE1  N Y N 153 
TRP CE2  C Y N 154 
TRP CE3  C Y N 155 
TRP CZ2  C Y N 156 
TRP CZ3  C Y N 157 
TRP CH2  C Y N 158 
TRP OXT  O N N 159 
TRP H    H N N 160 
TRP H2   H N N 161 
TRP HA   H N N 162 
TRP HB2  H N N 163 
TRP HB3  H N N 164 
TRP HD1  H N N 165 
TRP HE1  H N N 166 
TRP HE3  H N N 167 
TRP HZ2  H N N 168 
TRP HZ3  H N N 169 
TRP HH2  H N N 170 
TRP HXT  H N N 171 
# 
loop_
_chem_comp_bond.comp_id 
_chem_comp_bond.atom_id_1 
_chem_comp_bond.atom_id_2 
_chem_comp_bond.value_order 
_chem_comp_bond.pdbx_aromatic_flag 
_chem_comp_bond.pdbx_stereo_config 
_chem_comp_bond.pdbx_ordinal 
ACE C   O    doub N N 1   
ACE C   CH3  sing N N 2   
ACE C   H    sing N N 3   
ACE CH3 H1   sing N N 4   
ACE CH3 H2   sing N N 5   
ACE CH3 H3   sing N N 6   
ALA N   CA   sing N N 7   
ALA N   H    sing N N 8   
ALA N   H2   sing N N 9   
ALA CA  C    sing N N 10  
ALA CA  CB   sing N N 11  
ALA CA  HA   sing N N 12  
ALA C   O    doub N N 13  
ALA C   OXT  sing N N 14  
ALA CB  HB1  sing N N 15  
ALA CB  HB2  sing N N 16  
ALA CB  HB3  sing N N 17  
ALA OXT HXT  sing N N 18  
GLN N   CA   sing N N 19  
GLN N   H    sing N N 20  
GLN N   H2   sing N N 21  
GLN CA  C    sing N N 22  
GLN CA  CB   sing N N 23  
GLN CA  HA   sing N N 24  
GLN C   O    doub N N 25  
GLN C   OXT  sing N N 26  
GLN CB  CG   sing N N 27  
GLN CB  HB2  sing N N 28  
GLN CB  HB3  sing N N 29  
GLN CG  CD   sing N N 30  
GLN CG  HG2  sing N N 31  
GLN CG  HG3  sing N N 32  
GLN CD  OE1  doub N N 33  
GLN CD  NE2  sing N N 34  
GLN NE2 HE21 sing N N 35  
GLN NE2 HE22 sing N N 36  
GLN OXT HXT  sing N N 37  
GLU N   CA   sing N N 38  
GLU N   H    sing N N 39  
GLU N   H2   sing N N 40  
GLU CA  C    sing N N 41  
GLU CA  CB   sing N N 42  
GLU CA  HA   sing N N 43  
GLU C   O    doub N N 44  
GLU C   OXT  sing N N 45  
GLU CB  CG   sing N N 46  
GLU CB  HB2  sing N N 47  
GLU CB  HB3  sing N N 48  
GLU CG  CD   sing N N 49  
GLU CG  HG2  sing N N 50  
GLU CG  HG3  sing N N 51  
GLU CD  OE1  doub N N 52  
GLU CD  OE2  sing N N 53  
GLU OE2 HE2  sing N N 54  
GLU OXT HXT  sing N N 55  
GLY N   CA   sing N N 56  
GLY N   H    sing N N 57  
GLY N   H2   sing N N 58  
GLY CA  C    sing N N 59  
GLY CA  HA2  sing N N 60  
GLY CA  HA3  sing N N 61  
GLY C   O    doub N N 62  
GLY C   OXT  sing N N 63  
GLY OXT HXT  sing N N 64  
HOH O   H1   sing N N 65  
HOH O   H2   sing N N 66  
ILE N   CA   sing N N 67  
ILE N   H    sing N N 68  
ILE N   H2   sing N N 69  
ILE CA  C    sing N N 70  
ILE CA  CB   sing N N 71  
ILE CA  HA   sing N N 72  
ILE C   O    doub N N 73  
ILE C   OXT  sing N N 74  
ILE CB  CG1  sing N N 75  
ILE CB  CG2  sing N N 76  
ILE CB  HB   sing N N 77  
ILE CG1 CD1  sing N N 78  
ILE CG1 HG12 sing N N 79  
ILE CG1 HG13 sing N N 80  
ILE CG2 HG21 sing N N 81  
ILE CG2 HG22 sing N N 82  
ILE CG2 HG23 sing N N 83  
ILE CD1 HD11 sing N N 84  
ILE CD1 HD12 sing N N 85  
ILE CD1 HD13 sing N N 86  
ILE OXT HXT  sing N N 87  
LEU N   CA   sing N N 88  
LEU N   H    sing N N 89  
LEU N   H2   sing N N 90  
LEU CA  C    sing N N 91  
LEU CA  CB   sing N N 92  
LEU CA  HA   sing N N 93  
LEU C   O    doub N N 94  
LEU C   OXT  sing N N 95  
LEU CB  CG   sing N N 96  
LEU CB  HB2  sing N N 97  
LEU CB  HB3  sing N N 98  
LEU CG  CD1  sing N N 99  
LEU CG  CD2  sing N N 100 
LEU CG  HG   sing N N 101 
LEU CD1 HD11 sing N N 102 
LEU CD1 HD12 sing N N 103 
LEU CD1 HD13 sing N N 104 
LEU CD2 HD21 sing N N 105 
LEU CD2 HD22 sing N N 106 
LEU CD2 HD23 sing N N 107 
LEU OXT HXT  sing N N 108 
LYS N   CA   sing N N 109 
LYS N   H    sing N N 110 
LYS N   H2   sing N N 111 
LYS CA  C    sing N N 112 
LYS CA  CB   sing N N 113 
LYS CA  HA   sing N N 114 
LYS C   O    doub N N 115 
LYS C   OXT  sing N N 116 
LYS CB  CG   sing N N 117 
LYS CB  HB2  sing N N 118 
LYS CB  HB3  sing N N 119 
LYS CG  CD   sing N N 120 
LYS CG  HG2  sing N N 121 
LYS CG  HG3  sing N N 122 
LYS CD  CE   sing N N 123 
LYS CD  HD2  sing N N 124 
LYS CD  HD3  sing N N 125 
LYS CE  NZ   sing N N 126 
LYS CE  HE2  sing N N 127 
LYS CE  HE3  sing N N 128 
LYS NZ  HZ1  sing N N 129 
LYS NZ  HZ2  sing N N 130 
LYS NZ  HZ3  sing N N 131 
LYS OXT HXT  sing N N 132 
NH2 N   HN1  sing N N 133 
NH2 N   HN2  sing N N 134 
TRP N   CA   sing N N 135 
TRP N   H    sing N N 136 
TRP N   H2   sing N N 137 
TRP CA  C    sing N N 138 
TRP CA  CB   sing N N 139 
TRP CA  HA   sing N N 140 
TRP C   O    doub N N 141 
TRP C   OXT  sing N N 142 
TRP CB  CG   sing N N 143 
TRP CB  HB2  sing N N 144 
TRP CB  HB3  sing N N 145 
TRP CG  CD1  doub Y N 146 
TRP CG  CD2  sing Y N 147 
TRP CD1 NE1  sing Y N 148 
TRP CD1 HD1  sing N N 149 
TRP CD2 CE2  doub Y N 150 
TRP CD2 CE3  sing Y N 151 
TRP NE1 CE2  sing Y N 152 
TRP NE1 HE1  sing N N 153 
TRP CE2 CZ2  sing Y N 154 
TRP CE3 CZ3  doub Y N 155 
TRP CE3 HE3  sing N N 156 
TRP CZ2 CH2  doub Y N 157 
TRP CZ2 HZ2  sing N N 158 
TRP CZ3 CH2  sing Y N 159 
TRP CZ3 HZ3  sing N N 160 
TRP CH2 HH2  sing N N 161 
TRP OXT HXT  sing N N 162 
# 
loop_
_pdbx_audit_support.funding_organization 
_pdbx_audit_support.country 
_pdbx_audit_support.grant_number 
_pdbx_audit_support.ordinal 
'Biotechnology and Biological Sciences Research Council (BBSRC)'        'United Kingdom' BB/S002820/1 1 
'Biotechnology and Biological Sciences Research Council (BBSRC)'        'United Kingdom' BB/V006231/1 2 
'Biotechnology and Biological Sciences Research Council (BBSRC)'        'United Kingdom' BB/V004220/1 3 
'Max Planck Bristol Centre for Minimal Biology - University of Bristol' 'United Kingdom' .            4 
# 
_pdbx_initial_refinement_model.accession_code   ? 
_pdbx_initial_refinement_model.id               1 
_pdbx_initial_refinement_model.entity_id_list   ? 
_pdbx_initial_refinement_model.type             'in silico model' 
_pdbx_initial_refinement_model.source_name      AlphaFold 
_pdbx_initial_refinement_model.details          'AlphaFold model' 
# 
_space_group.name_H-M_alt     'P 32 2 1' 
_space_group.name_Hall        
;P 32 2"
;
_space_group.IT_number        154 
_space_group.crystal_system   trigonal 
_space_group.id               1 
# 
_atom_sites.entry_id                    8A3I 
_atom_sites.Cartn_transf_matrix[1][1]   ? 
_atom_sites.Cartn_transf_matrix[1][2]   ? 
_atom_sites.Cartn_transf_matrix[1][3]   ? 
_atom_sites.Cartn_transf_matrix[2][1]   ? 
_atom_sites.Cartn_transf_matrix[2][2]   ? 
_atom_sites.Cartn_transf_matrix[2][3]   ? 
_atom_sites.Cartn_transf_matrix[3][1]   ? 
_atom_sites.Cartn_transf_matrix[3][2]   ? 
_atom_sites.Cartn_transf_matrix[3][3]   ? 
_atom_sites.Cartn_transf_vector[1]      ? 
_atom_sites.Cartn_transf_vector[2]      ? 
_atom_sites.Cartn_transf_vector[3]      ? 
_atom_sites.fract_transf_matrix[1][1]   0.02062055 
_atom_sites.fract_transf_matrix[1][2]   -0.00043634 
_atom_sites.fract_transf_matrix[1][3]   -0.01136984 
_atom_sites.fract_transf_matrix[2][1]   0.00097311 
_atom_sites.fract_transf_matrix[2][2]   0.00564380 
_atom_sites.fract_transf_matrix[2][3]   -0.02284507 
_atom_sites.fract_transf_matrix[3][1]   0.00473161 
_atom_sites.fract_transf_matrix[3][2]   0.02935905 
_atom_sites.fract_transf_matrix[3][3]   0.00745461 
_atom_sites.fract_transf_vector[1]      -0.348928 
_atom_sites.fract_transf_vector[2]      -0.425838 
_atom_sites.fract_transf_vector[3]      -0.072551 
_atom_sites.solution_primary            ? 
_atom_sites.solution_secondary          ? 
_atom_sites.solution_hydrogens          ? 
_atom_sites.special_details             ? 
# 
loop_
_atom_type.symbol 
_atom_type.scat_dispersion_real 
_atom_type.scat_dispersion_imag 
_atom_type.scat_Cromer_Mann_a1 
_atom_type.scat_Cromer_Mann_a2 
_atom_type.scat_Cromer_Mann_a3 
_atom_type.scat_Cromer_Mann_a4 
_atom_type.scat_Cromer_Mann_b1 
_atom_type.scat_Cromer_Mann_b2 
_atom_type.scat_Cromer_Mann_b3 
_atom_type.scat_Cromer_Mann_b4 
_atom_type.scat_Cromer_Mann_c 
_atom_type.scat_source 
_atom_type.scat_dispersion_source 
C ? ? 3.54356 2.42580 ? ? 25.62398 1.50364 ? ? 0.0 
;2-Gaussian fit: Grosse-Kunstleve RW, Sauter NK, Adams PD: Newsletter of the IUCr Commission on Crystallographic Computing 2004, 3, 22-31.
;
? 
N ? ? 4.01032 2.96436 ? ? 19.97189 1.75589 ? ? 0.0 
;2-Gaussian fit: Grosse-Kunstleve RW, Sauter NK, Adams PD: Newsletter of the IUCr Commission on Crystallographic Computing 2004, 3, 22-31.
;
? 
O ? ? 4.49882 3.47563 ? ? 15.80542 1.70748 ? ? 0.0 
;2-Gaussian fit: Grosse-Kunstleve RW, Sauter NK, Adams PD: Newsletter of the IUCr Commission on Crystallographic Computing 2004, 3, 22-31.
;
? 
# 
loop_
_atom_site.group_PDB 
_atom_site.id 
_atom_site.type_symbol 
_atom_site.label_atom_id 
_atom_site.label_alt_id 
_atom_site.label_comp_id 
_atom_site.label_asym_id 
_atom_site.label_entity_id 
_atom_site.label_seq_id 
_atom_site.pdbx_PDB_ins_code 
_atom_site.Cartn_x 
_atom_site.Cartn_y 
_atom_site.Cartn_z 
_atom_site.occupancy 
_atom_site.B_iso_or_equiv 
_atom_site.pdbx_formal_charge 
_atom_site.auth_seq_id 
_atom_site.auth_comp_id 
_atom_site.auth_asym_id 
_atom_site.auth_atom_id 
_atom_site.pdbx_PDB_model_num 
HETATM 1   C C   . ACE A 1 1  ? -10.563 -10.752 -3.155  1.00 53.92 ? 0   ACE A C   1 
HETATM 2   O O   . ACE A 1 1  ? -10.483 -9.918  -2.309  1.00 54.17 ? 0   ACE A O   1 
HETATM 3   C CH3 . ACE A 1 1  ? -11.178 -10.441 -4.504  1.00 54.64 ? 0   ACE A CH3 1 
ATOM   4   N N   . GLY A 1 2  ? -10.166 -12.037 -2.996  1.00 47.66 ? 1   GLY A N   1 
ATOM   5   C CA  . GLY A 1 2  ? -9.175  -12.367 -1.982  1.00 41.26 ? 1   GLY A CA  1 
ATOM   6   C C   . GLY A 1 2  ? -7.980  -11.439 -2.085  1.00 35.86 ? 1   GLY A C   1 
ATOM   7   O O   . GLY A 1 2  ? -7.516  -10.882 -1.088  1.00 38.60 ? 1   GLY A O   1 
ATOM   8   N N   . GLN A 1 3  ? -7.512  -11.202 -3.312  1.00 35.08 ? 2   GLN A N   1 
ATOM   9   C CA  A GLN A 1 3  ? -6.434  -10.241 -3.510  0.48 33.39 ? 2   GLN A CA  1 
ATOM   10  C CA  B GLN A 1 3  ? -6.444  -10.237 -3.540  0.52 32.80 ? 2   GLN A CA  1 
ATOM   11  C C   . GLN A 1 3  ? -6.862  -8.837  -3.112  1.00 31.07 ? 2   GLN A C   1 
ATOM   12  O O   . GLN A 1 3  ? -6.081  -8.100  -2.498  1.00 32.38 ? 2   GLN A O   1 
ATOM   13  C CB  A GLN A 1 3  ? -5.942  -10.223 -4.956  0.48 34.69 ? 2   GLN A CB  1 
ATOM   14  C CB  B GLN A 1 3  ? -6.116  -10.206 -5.022  0.52 33.07 ? 2   GLN A CB  1 
ATOM   15  C CG  A GLN A 1 3  ? -4.535  -9.638  -5.069  0.48 36.94 ? 2   GLN A CG  1 
ATOM   16  C CG  B GLN A 1 3  ? -5.958  -11.567 -5.622  0.52 33.89 ? 2   GLN A CG  1 
ATOM   17  C CD  A GLN A 1 3  ? -3.923  -9.792  -6.436  0.48 39.69 ? 2   GLN A CD  1 
ATOM   18  C CD  B GLN A 1 3  ? -5.532  -11.489 -7.042  0.52 38.54 ? 2   GLN A CD  1 
ATOM   19  O OE1 A GLN A 1 3  ? -4.410  -10.555 -7.263  0.48 41.77 ? 2   GLN A OE1 1 
ATOM   20  O OE1 B GLN A 1 3  ? -4.602  -10.748 -7.374  0.52 41.35 ? 2   GLN A OE1 1 
ATOM   21  N NE2 A GLN A 1 3  ? -2.846  -9.057  -6.683  0.48 41.06 ? 2   GLN A NE2 1 
ATOM   22  N NE2 B GLN A 1 3  ? -6.162  -12.279 -7.894  0.52 38.79 ? 2   GLN A NE2 1 
ATOM   23  N N   . LEU A 1 4  ? -8.074  -8.435  -3.463  1.00 27.53 ? 3   LEU A N   1 
ATOM   24  C CA  . LEU A 1 4  ? -8.482  -7.096  -3.092  1.00 25.48 ? 3   LEU A CA  1 
ATOM   25  C C   . LEU A 1 4  ? -8.480  -6.919  -1.571  1.00 24.92 ? 3   LEU A C   1 
ATOM   26  O O   . LEU A 1 4  ? -8.025  -5.878  -1.066  1.00 20.41 ? 3   LEU A O   1 
ATOM   27  C CB  . LEU A 1 4  ? -9.857  -6.824  -3.696  1.00 25.34 ? 3   LEU A CB  1 
ATOM   28  C CG  . LEU A 1 4  ? -9.909  -6.534  -5.211  1.00 24.34 ? 3   LEU A CG  1 
ATOM   29  C CD1 . LEU A 1 4  ? -11.304 -6.249  -5.606  1.00 26.59 ? 3   LEU A CD1 1 
ATOM   30  C CD2 . LEU A 1 4  ? -8.961  -5.409  -5.649  1.00 24.89 ? 3   LEU A CD2 1 
ATOM   31  N N   . GLU A 1 5  ? -8.974  -7.920  -0.824  1.00 27.11 ? 4   GLU A N   1 
ATOM   32  C CA  . GLU A 1 5  ? -9.052  -7.835  0.637   1.00 25.91 ? 4   GLU A CA  1 
ATOM   33  C C   . GLU A 1 5  ? -7.668  -7.732  1.242   1.00 24.34 ? 4   GLU A C   1 
ATOM   34  O O   . GLU A 1 5  ? -7.433  -6.956  2.183   1.00 24.83 ? 4   GLU A O   1 
ATOM   35  C CB  . GLU A 1 5  ? -9.733  -9.100  1.178   1.00 28.85 ? 4   GLU A CB  1 
ATOM   36  N N   . GLU A 1 6  ? -6.727  -8.449  0.665   1.00 27.21 ? 5   GLU A N   1 
ATOM   37  C CA  . GLU A 1 6  ? -5.347  -8.406  1.110   1.00 29.07 ? 5   GLU A CA  1 
ATOM   38  C C   . GLU A 1 6  ? -4.709  -7.036  0.827   1.00 25.30 ? 5   GLU A C   1 
ATOM   39  O O   . GLU A 1 6  ? -4.068  -6.442  1.713   1.00 25.22 ? 5   GLU A O   1 
ATOM   40  C CB  . GLU A 1 6  ? -4.655  -9.606  0.447   1.00 34.00 ? 5   GLU A CB  1 
ATOM   41  C CG  . GLU A 1 6  ? -3.154  -9.649  0.393   1.00 41.61 ? 5   GLU A CG  1 
ATOM   42  C CD  . GLU A 1 6  ? -2.660  -11.046 0.007   1.00 49.29 ? 5   GLU A CD  1 
ATOM   43  O OE1 . GLU A 1 6  ? -2.841  -11.449 -1.172  1.00 50.73 ? 5   GLU A OE1 1 
ATOM   44  O OE2 . GLU A 1 6  ? -2.061  -11.720 0.877   1.00 54.44 ? 5   GLU A OE2 1 
ATOM   45  N N   . ILE A 1 7  ? -4.935  -6.493  -0.372  1.00 22.58 ? 6   ILE A N   1 
ATOM   46  C CA  . ILE A 1 7  ? -4.471  -5.135  -0.698  1.00 19.48 ? 6   ILE A CA  1 
ATOM   47  C C   . ILE A 1 7  ? -5.035  -4.119  0.281   1.00 18.17 ? 6   ILE A C   1 
ATOM   48  O O   . ILE A 1 7  ? -4.331  -3.199  0.735   1.00 16.50 ? 6   ILE A O   1 
ATOM   49  C CB  . ILE A 1 7  ? -4.821  -4.772  -2.150  1.00 18.67 ? 6   ILE A CB  1 
ATOM   50  C CG1 . ILE A 1 7  ? -3.949  -5.606  -3.074  1.00 22.26 ? 6   ILE A CG1 1 
ATOM   51  C CG2 . ILE A 1 7  ? -4.658  -3.253  -2.354  1.00 16.54 ? 6   ILE A CG2 1 
ATOM   52  C CD1 . ILE A 1 7  ? -4.390  -5.556  -4.537  1.00 23.20 ? 6   ILE A CD1 1 
ATOM   53  N N   . ALA A 1 8  ? -6.345  -4.198  0.536   1.00 16.34 ? 7   ALA A N   1 
ATOM   54  C CA  . ALA A 1 8  ? -6.976  -3.315  1.509   1.00 15.76 ? 7   ALA A CA  1 
ATOM   55  C C   . ALA A 1 8  ? -6.267  -3.357  2.869   1.00 15.58 ? 7   ALA A C   1 
ATOM   56  O O   . ALA A 1 8  ? -5.962  -2.311  3.459   1.00 14.24 ? 7   ALA A O   1 
ATOM   57  C CB  . ALA A 1 8  ? -8.464  -3.670  1.630   1.00 16.83 ? 7   ALA A CB  1 
ATOM   58  N N   . LYS A 1 9  ? -6.015  -4.561  3.385   1.00 18.42 ? 8   LYS A N   1 
ATOM   59  C CA  . LYS A 1 9  ? -5.238  -4.731  4.598   1.00 21.12 ? 8   LYS A CA  1 
ATOM   60  C C   . LYS A 1 9  ? -3.890  -4.017  4.523   1.00 18.32 ? 8   LYS A C   1 
ATOM   61  O O   . LYS A 1 9  ? -3.500  -3.293  5.450   1.00 17.01 ? 8   LYS A O   1 
ATOM   62  C CB  . LYS A 1 9  ? -5.049  -6.234  4.823   1.00 22.22 ? 8   LYS A CB  1 
ATOM   63  C CG  . LYS A 1 9  ? -4.294  -6.570  6.136   1.00 27.86 ? 8   LYS A CG  1 
ATOM   64  C CD  . LYS A 1 9  ? -3.869  -8.057  6.267   1.00 34.83 ? 8   LYS A CD  1 
ATOM   65  C CE  . LYS A 1 9  ? -2.860  -8.518  5.231   1.00 40.61 ? 8   LYS A CE  1 
ATOM   66  N NZ  . LYS A 1 9  ? -1.768  -7.524  4.997   1.00 47.36 ? 8   LYS A NZ  1 
ATOM   67  N N   . GLN A 1 10 ? -3.155  -4.209  3.421   1.00 17.66 ? 9   GLN A N   1 
ATOM   68  C CA  . GLN A 1 10 ? -1.861  -3.547  3.260   1.00 19.19 ? 9   GLN A CA  1 
ATOM   69  C C   . GLN A 1 10 ? -1.995  -2.041  3.258   1.00 16.39 ? 9   GLN A C   1 
ATOM   70  O O   . GLN A 1 10 ? -1.211  -1.361  3.906   1.00 15.99 ? 9   GLN A O   1 
ATOM   71  C CB  . GLN A 1 10 ? -1.104  -4.019  2.020   1.00 24.41 ? 9   GLN A CB  1 
ATOM   72  C CG  . GLN A 1 10 ? -0.940  -5.534  1.992   1.00 37.31 ? 9   GLN A CG  1 
ATOM   73  C CD  . GLN A 1 10 ? -0.460  -6.044  0.656   1.00 50.82 ? 9   GLN A CD  1 
ATOM   74  O OE1 . GLN A 1 10 ? -0.555  -5.355  -0.355  1.00 52.57 ? 9   GLN A OE1 1 
ATOM   75  N NE2 . GLN A 1 10 ? 0.099   -7.256  0.654   1.00 57.93 ? 9   GLN A NE2 1 
ATOM   76  N N   . LEU A 1 11 ? -2.984  -1.493  2.531   1.00 12.33 ? 10  LEU A N   1 
ATOM   77  C CA  . LEU A 1 11 ? -3.173  -0.046  2.528   1.00 12.45 ? 10  LEU A CA  1 
ATOM   78  C C   . LEU A 1 11 ? -3.511  0.475   3.916   1.00 13.11 ? 10  LEU A C   1 
ATOM   79  O O   . LEU A 1 11 ? -3.077  1.557   4.286   1.00 12.43 ? 10  LEU A O   1 
ATOM   80  C CB  . LEU A 1 11 ? -4.248  0.302   1.532   1.00 12.65 ? 10  LEU A CB  1 
ATOM   81  C CG  . LEU A 1 11 ? -3.928  0.088   0.061   1.00 12.92 ? 10  LEU A CG  1 
ATOM   82  C CD1 . LEU A 1 11 ? -5.145  0.470   -0.736  1.00 14.14 ? 10  LEU A CD1 1 
ATOM   83  C CD2 . LEU A 1 11 ? -2.745  0.918   -0.367  1.00 15.81 ? 10  LEU A CD2 1 
ATOM   84  N N   . GLN A 1 12 ? -4.287  -0.271  4.695   1.00 14.20 ? 11  GLN A N   1 
ATOM   85  C CA  . GLN A 1 12 ? -4.598  0.133   6.060   1.00 16.36 ? 11  GLN A CA  1 
ATOM   86  C C   . GLN A 1 12 ? -3.350  0.140   6.928   1.00 14.32 ? 11  GLN A C   1 
ATOM   87  O O   . GLN A 1 12 ? -3.159  1.081   7.727   1.00 14.66 ? 11  GLN A O   1 
ATOM   88  C CB  . GLN A 1 12 ? -5.648  -0.811  6.664   1.00 18.26 ? 11  GLN A CB  1 
ATOM   89  C CG  . GLN A 1 12 ? -7.033  -0.655  6.031   1.00 17.00 ? 11  GLN A CG  1 
ATOM   90  C CD  . GLN A 1 12 ? -8.020  -1.656  6.558   1.00 23.22 ? 11  GLN A CD  1 
ATOM   91  O OE1 . GLN A 1 12 ? -7.653  -2.737  7.006   1.00 28.10 ? 11  GLN A OE1 1 
ATOM   92  N NE2 . GLN A 1 12 ? -9.271  -1.305  6.521   1.00 27.95 ? 11  GLN A NE2 1 
ATOM   93  N N   . GLN A 1 13 ? -2.488  -0.870  6.800   1.00 15.04 ? 12  GLN A N   1 
ATOM   94  C CA  . GLN A 1 13 ? -1.241  -0.857  7.567   1.00 15.79 ? 12  GLN A CA  1 
ATOM   95  C C   . GLN A 1 13 ? -0.335  0.316   7.158   1.00 15.13 ? 12  GLN A C   1 
ATOM   96  O O   . GLN A 1 13 ? 0.257   0.979   8.026   1.00 16.04 ? 12  GLN A O   1 
ATOM   97  C CB  . GLN A 1 13 ? -0.550  -2.217  7.444   1.00 19.08 ? 12  GLN A CB  1 
ATOM   98  C CG  . GLN A 1 13 ? 0.570   -2.409  8.431   1.00 18.02 ? 12  GLN A CG  1 
ATOM   99  C CD  . GLN A 1 13 ? 0.110   -2.259  9.849   1.00 21.43 ? 12  GLN A CD  1 
ATOM   100 O OE1 . GLN A 1 13 ? -0.926  -2.780  10.243  1.00 21.94 ? 12  GLN A OE1 1 
ATOM   101 N NE2 . GLN A 1 13 ? 0.895   -1.553  10.638  1.00 24.42 ? 12  GLN A NE2 1 
ATOM   102 N N   . ILE A 1 14 ? -0.243  0.596   5.857   1.00 13.08 ? 13  ILE A N   1 
ATOM   103 C CA  . ILE A 1 14 ? 0.544   1.739   5.385   1.00 12.22 ? 13  ILE A CA  1 
ATOM   104 C C   . ILE A 1 14 ? -0.002  3.027   5.980   1.00 13.62 ? 13  ILE A C   1 
ATOM   105 O O   . ILE A 1 14 ? 0.758   3.883   6.442   1.00 12.69 ? 13  ILE A O   1 
ATOM   106 C CB  . ILE A 1 14 ? 0.566   1.806   3.825   1.00 12.48 ? 13  ILE A CB  1 
ATOM   107 C CG1 . ILE A 1 14 ? 1.499   0.712   3.262   1.00 14.45 ? 13  ILE A CG1 1 
ATOM   108 C CG2 . ILE A 1 14 ? 1.019   3.195   3.337   1.00 14.07 ? 13  ILE A CG2 1 
ATOM   109 C CD1 . ILE A 1 14 ? 1.259   0.413   1.799   1.00 14.55 ? 13  ILE A CD1 1 
ATOM   110 N N   . ALA A 1 15 ? -1.329  3.200   5.970   1.00 12.85 ? 14  ALA A N   1 
ATOM   111 C CA  . ALA A 1 15 ? -1.912  4.389   6.593   1.00 14.16 ? 14  ALA A CA  1 
ATOM   112 C C   . ALA A 1 15 ? -1.508  4.532   8.056   1.00 14.16 ? 14  ALA A C   1 
ATOM   113 O O   . ALA A 1 15 ? -1.172  5.639   8.506   1.00 16.21 ? 14  ALA A O   1 
ATOM   114 C CB  . ALA A 1 15 ? -3.427  4.364   6.453   1.00 14.20 ? 14  ALA A CB  1 
ATOM   115 N N   . TRP A 1 16 ? -1.569  3.435   8.814   1.00 15.52 ? 15  TRP A N   1 
ATOM   116 C CA  . TRP A 1 16 ? -1.163  3.434   10.215  1.00 18.23 ? 15  TRP A CA  1 
ATOM   117 C C   . TRP A 1 16 ? 0.275   3.906   10.355  1.00 17.54 ? 15  TRP A C   1 
ATOM   118 O O   . TRP A 1 16 ? 0.580   4.795   11.153  1.00 19.65 ? 15  TRP A O   1 
ATOM   119 C CB  . TRP A 1 16 ? -1.322  2.009   10.751  1.00 19.71 ? 15  TRP A CB  1 
ATOM   120 C CG  . TRP A 1 16 ? -1.057  1.889   12.226  1.00 20.03 ? 15  TRP A CG  1 
ATOM   121 C CD1 . TRP A 1 16 ? -1.966  2.041   13.261  1.00 20.98 ? 15  TRP A CD1 1 
ATOM   122 C CD2 . TRP A 1 16 ? 0.207   1.609   12.846  1.00 20.59 ? 15  TRP A CD2 1 
ATOM   123 N NE1 . TRP A 1 16 ? -1.329  1.881   14.468  1.00 22.87 ? 15  TRP A NE1 1 
ATOM   124 C CE2 . TRP A 1 16 ? 0.001   1.611   14.242  1.00 22.59 ? 15  TRP A CE2 1 
ATOM   125 C CE3 . TRP A 1 16 ? 1.504   1.396   12.355  1.00 21.46 ? 15  TRP A CE3 1 
ATOM   126 C CZ2 . TRP A 1 16 ? 1.036   1.364   15.139  1.00 23.14 ? 15  TRP A CZ2 1 
ATOM   127 C CZ3 . TRP A 1 16 ? 2.518   1.130   13.252  1.00 21.01 ? 15  TRP A CZ3 1 
ATOM   128 C CH2 . TRP A 1 16 ? 2.290   1.155   14.626  1.00 21.83 ? 15  TRP A CH2 1 
ATOM   129 N N   . GLN A 1 17 ? 1.146   3.390   9.491   1.00 16.14 ? 16  GLN A N   1 
ATOM   130 C CA  A GLN A 1 17 ? 2.556   3.753   9.536   0.41 16.74 ? 16  GLN A CA  1 
ATOM   131 C CA  B GLN A 1 17 ? 2.559   3.752   9.538   0.59 19.69 ? 16  GLN A CA  1 
ATOM   132 C C   . GLN A 1 17 ? 2.780   5.218   9.181   1.00 17.60 ? 16  GLN A C   1 
ATOM   133 O O   . GLN A 1 17 ? 3.597   5.882   9.813   1.00 19.79 ? 16  GLN A O   1 
ATOM   134 C CB  A GLN A 1 17 ? 3.329   2.850   8.593   0.41 15.83 ? 16  GLN A CB  1 
ATOM   135 C CB  B GLN A 1 17 ? 3.363   2.821   8.631   0.59 26.10 ? 16  GLN A CB  1 
ATOM   136 C CG  A GLN A 1 17 ? 4.810   2.879   8.838   0.41 19.40 ? 16  GLN A CG  1 
ATOM   137 C CG  B GLN A 1 17 ? 4.889   2.978   8.720   0.59 32.62 ? 16  GLN A CG  1 
ATOM   138 C CD  A GLN A 1 17 ? 5.538   2.001   7.862   0.41 22.31 ? 16  GLN A CD  1 
ATOM   139 C CD  B GLN A 1 17 ? 5.469   2.693   10.101  0.59 36.98 ? 16  GLN A CD  1 
ATOM   140 O OE1 A GLN A 1 17 ? 4.911   1.303   7.062   0.41 25.34 ? 16  GLN A OE1 1 
ATOM   141 O OE1 B GLN A 1 17 ? 5.003   1.809   10.820  0.59 38.41 ? 16  GLN A OE1 1 
ATOM   142 N NE2 A GLN A 1 17 ? 6.871   2.032   7.909   0.41 22.28 ? 16  GLN A NE2 1 
ATOM   143 N NE2 B GLN A 1 17 ? 6.505   3.439   10.465  0.59 36.81 ? 16  GLN A NE2 1 
ATOM   144 N N   . LEU A 1 18 ? 2.068   5.739   8.158   1.00 14.15 ? 17  LEU A N   1 
ATOM   145 C CA  . LEU A 1 18 ? 2.192   7.138   7.807   1.00 16.58 ? 17  LEU A CA  1 
ATOM   146 C C   . LEU A 1 18 ? 1.796   8.019   8.982   1.00 18.38 ? 17  LEU A C   1 
ATOM   147 O O   . LEU A 1 18 ? 2.428   9.057   9.233   1.00 20.24 ? 17  LEU A O   1 
ATOM   148 C CB  . LEU A 1 18 ? 1.336   7.455   6.586   1.00 15.52 ? 17  LEU A CB  1 
ATOM   149 C CG  . LEU A 1 18 ? 1.840   6.898   5.263   1.00 14.21 ? 17  LEU A CG  1 
ATOM   150 C CD1 . LEU A 1 18 ? 0.824   7.243   4.176   1.00 17.36 ? 17  LEU A CD1 1 
ATOM   151 C CD2 . LEU A 1 18 ? 3.255   7.392   4.943   1.00 17.92 ? 17  LEU A CD2 1 
ATOM   152 N N   . LYS A 1 19 ? 0.743   7.627   9.713   1.00 19.13 ? 18  LYS A N   1 
ATOM   153 C CA  . LYS A 1 19 ? 0.342   8.402   10.886  1.00 24.10 ? 18  LYS A CA  1 
ATOM   154 C C   . LYS A 1 19 ? 1.427   8.363   11.950  1.00 25.53 ? 18  LYS A C   1 
ATOM   155 O O   . LYS A 1 19 ? 1.738   9.382   12.567  1.00 27.65 ? 18  LYS A O   1 
ATOM   156 C CB  . LYS A 1 19 ? -1.011  7.923   11.430  1.00 23.61 ? 18  LYS A CB  1 
ATOM   157 C CG  . LYS A 1 19 ? -2.180  8.306   10.536  1.00 24.83 ? 18  LYS A CG  1 
ATOM   158 C CD  . LYS A 1 19 ? -3.390  7.389   10.704  1.00 30.03 ? 18  LYS A CD  1 
ATOM   159 C CE  . LYS A 1 19 ? -3.807  7.293   12.152  1.00 35.07 ? 18  LYS A CE  1 
ATOM   160 N NZ  . LYS A 1 19 ? -5.098  6.551   12.320  1.00 34.04 ? 18  LYS A NZ  1 
ATOM   161 N N   . LYS A 1 20 ? 2.039   7.204   12.171  1.00 27.11 ? 19  LYS A N   1 
ATOM   162 C CA  . LYS A 1 20 ? 3.121   7.169   13.142  1.00 29.24 ? 19  LYS A CA  1 
ATOM   163 C C   . LYS A 1 20 ? 4.280   8.036   12.685  1.00 27.08 ? 19  LYS A C   1 
ATOM   164 O O   . LYS A 1 20 ? 4.837   8.800   13.484  1.00 30.76 ? 19  LYS A O   1 
ATOM   165 C CB  . LYS A 1 20 ? 3.520   5.724   13.437  1.00 31.09 ? 19  LYS A CB  1 
ATOM   166 C CG  . LYS A 1 20 ? 2.396   4.954   14.111  1.00 33.07 ? 19  LYS A CG  1 
ATOM   167 C CD  . LYS A 1 20 ? 1.961   5.637   15.420  1.00 36.65 ? 19  LYS A CD  1 
ATOM   168 C CE  . LYS A 1 20 ? 1.026   4.737   16.202  1.00 36.44 ? 19  LYS A CE  1 
ATOM   169 N NZ  . LYS A 1 20 ? -0.298  5.350   16.345  1.00 39.74 ? 19  LYS A NZ  1 
ATOM   170 N N   . ILE A 1 21 ? 4.615   8.006   11.398  1.00 26.89 ? 20  ILE A N   1 
ATOM   171 C CA  . ILE A 1 21 ? 5.708   8.845   10.933  1.00 25.47 ? 20  ILE A CA  1 
ATOM   172 C C   . ILE A 1 21 ? 5.395   10.298  11.201  1.00 29.13 ? 20  ILE A C   1 
ATOM   173 O O   . ILE A 1 21 ? 6.247   11.056  11.680  1.00 32.42 ? 20  ILE A O   1 
ATOM   174 C CB  . ILE A 1 21 ? 5.990   8.589   9.446   1.00 21.31 ? 20  ILE A CB  1 
ATOM   175 C CG1 . ILE A 1 21 ? 6.630   7.201   9.258   1.00 19.35 ? 20  ILE A CG1 1 
ATOM   176 C CG2 . ILE A 1 21 ? 6.828   9.727   8.878   1.00 23.10 ? 20  ILE A CG2 1 
ATOM   177 C CD1 . ILE A 1 21 ? 6.633   6.691   7.811   1.00 21.33 ? 20  ILE A CD1 1 
ATOM   178 N N   . ALA A 1 22 ? 4.145   10.696  10.953  1.00 30.36 ? 21  ALA A N   1 
ATOM   179 C CA  . ALA A 1 22 ? 3.753   12.075  11.198  1.00 35.10 ? 21  ALA A CA  1 
ATOM   180 C C   . ALA A 1 22 ? 3.768   12.406  12.687  1.00 39.25 ? 21  ALA A C   1 
ATOM   181 O O   . ALA A 1 22 ? 4.004   13.561  13.061  1.00 40.42 ? 21  ALA A O   1 
ATOM   182 C CB  . ALA A 1 22 ? 2.392   12.347  10.547  1.00 32.45 ? 21  ALA A CB  1 
ATOM   183 N N   . GLN A 1 23 ? 3.566   11.423  13.562  1.00 45.27 ? 22  GLN A N   1 
ATOM   184 C CA  . GLN A 1 23 ? 3.525   11.760  14.982  1.00 52.72 ? 22  GLN A CA  1 
ATOM   185 C C   . GLN A 1 23 ? 4.902   11.919  15.610  1.00 60.49 ? 22  GLN A C   1 
ATOM   186 O O   . GLN A 1 23 ? 4.986   12.346  16.765  1.00 63.58 ? 22  GLN A O   1 
ATOM   187 C CB  . GLN A 1 23 ? 2.663   10.761  15.758  1.00 55.86 ? 22  GLN A CB  1 
ATOM   188 C CG  . GLN A 1 23 ? 1.193   11.190  15.857  1.00 57.42 ? 22  GLN A CG  1 
ATOM   189 C CD  . GLN A 1 23 ? 0.212   10.039  15.634  1.00 57.58 ? 22  GLN A CD  1 
ATOM   190 O OE1 . GLN A 1 23 ? 0.485   8.892   16.000  1.00 59.76 ? 22  GLN A OE1 1 
ATOM   191 N NE2 . GLN A 1 23 ? -0.927  10.340  15.010  1.00 56.93 ? 22  GLN A NE2 1 
ATOM   192 N N   . GLY A 1 24 ? 5.975   11.622  14.888  1.00 64.06 ? 23  GLY A N   1 
ATOM   193 C CA  . GLY A 1 24 ? 7.307   11.871  15.410  1.00 68.94 ? 23  GLY A CA  1 
ATOM   194 C C   . GLY A 1 24 ? 8.151   10.622  15.566  1.00 72.83 ? 23  GLY A C   1 
ATOM   195 O O   . GLY A 1 24 ? 8.711   10.120  14.589  1.00 74.16 ? 23  GLY A O   1 
HETATM 196 N N   . NH2 A 1 25 ? 8.246   10.121  16.794  1.00 73.32 ? 24  NH2 A N   1 
HETATM 197 C C   . ACE B 1 1  ? 12.610  8.094   3.638   1.00 22.56 ? 0   ACE B C   1 
HETATM 198 O O   . ACE B 1 1  ? 11.791  7.831   2.815   1.00 22.94 ? 0   ACE B O   1 
HETATM 199 C CH3 . ACE B 1 1  ? 12.743  9.497   4.191   1.00 23.10 ? 0   ACE B CH3 1 
ATOM   200 N N   . GLY B 1 2  ? 13.506  7.216   4.142   1.00 21.24 ? 1   GLY B N   1 
ATOM   201 C CA  . GLY B 1 2  ? 13.624  5.883   3.578   1.00 21.86 ? 1   GLY B CA  1 
ATOM   202 C C   . GLY B 1 2  ? 12.337  5.084   3.682   1.00 21.50 ? 1   GLY B C   1 
ATOM   203 O O   . GLY B 1 2  ? 11.978  4.341   2.760   1.00 22.07 ? 1   GLY B O   1 
ATOM   204 N N   . GLN B 1 3  ? 11.630  5.195   4.814   1.00 19.47 ? 2   GLN B N   1 
ATOM   205 C CA  . GLN B 1 3  ? 10.338  4.510   4.886   1.00 18.03 ? 2   GLN B CA  1 
ATOM   206 C C   . GLN B 1 3  ? 9.307   5.133   3.974   1.00 18.19 ? 2   GLN B C   1 
ATOM   207 O O   . GLN B 1 3  ? 8.494   4.415   3.407   1.00 19.56 ? 2   GLN B O   1 
ATOM   208 C CB  . GLN B 1 3  ? 9.763   4.392   6.309   1.00 21.86 ? 2   GLN B CB  1 
ATOM   209 C CG  . GLN B 1 3  ? 10.632  3.834   7.425   1.00 28.59 ? 2   GLN B CG  1 
ATOM   210 C CD  . GLN B 1 3  ? 9.934   3.942   8.792   1.00 34.60 ? 2   GLN B CD  1 
ATOM   211 O OE1 . GLN B 1 3  ? 8.704   4.136   8.859   1.00 34.96 ? 2   GLN B OE1 1 
ATOM   212 N NE2 . GLN B 1 3  ? 10.696  3.726   9.873   1.00 40.39 ? 2   GLN B NE2 1 
ATOM   213 N N   . LEU B 1 4  ? 9.313   6.460   3.836   1.00 17.49 ? 3   LEU B N   1 
ATOM   214 C CA  . LEU B 1 4  ? 8.376   7.090   2.916   1.00 17.39 ? 3   LEU B CA  1 
ATOM   215 C C   . LEU B 1 4  ? 8.604   6.612   1.482   1.00 18.70 ? 3   LEU B C   1 
ATOM   216 O O   . LEU B 1 4  ? 7.646   6.265   0.774   1.00 19.84 ? 3   LEU B O   1 
ATOM   217 C CB  . LEU B 1 4  ? 8.431   8.616   3.062   1.00 19.27 ? 3   LEU B CB  1 
ATOM   218 C CG  . LEU B 1 4  ? 7.982   9.126   4.425   1.00 18.69 ? 3   LEU B CG  1 
ATOM   219 C CD1 . LEU B 1 4  ? 8.321   10.597  4.569   1.00 19.72 ? 3   LEU B CD1 1 
ATOM   220 C CD2 . LEU B 1 4  ? 6.495   8.830   4.639   1.00 17.97 ? 3   LEU B CD2 1 
ATOM   221 N N   . GLU B 1 5  ? 9.873   6.536   1.052   1.00 22.07 ? 4   GLU B N   1 
ATOM   222 C CA  . GLU B 1 5  ? 10.171  6.089   -0.310  1.00 24.45 ? 4   GLU B CA  1 
ATOM   223 C C   . GLU B 1 5  ? 9.800   4.619   -0.496  1.00 24.20 ? 4   GLU B C   1 
ATOM   224 O O   . GLU B 1 5  ? 9.310   4.221   -1.561  1.00 26.50 ? 4   GLU B O   1 
ATOM   225 C CB  . GLU B 1 5  ? 11.647  6.322   -0.644  1.00 26.72 ? 4   GLU B CB  1 
ATOM   226 C CG  . GLU B 1 5  ? 11.997  7.775   -0.922  1.00 30.86 ? 4   GLU B CG  1 
ATOM   227 N N   . GLU B 1 6  ? 10.049  3.785   0.515   1.00 24.16 ? 5   GLU B N   1 
ATOM   228 C CA  A GLU B 1 6  ? 9.674   2.384   0.394   0.58 23.70 ? 5   GLU B CA  1 
ATOM   229 C CA  B GLU B 1 6  ? 9.671   2.380   0.424   0.42 23.18 ? 5   GLU B CA  1 
ATOM   230 C C   . GLU B 1 6  ? 8.164   2.236   0.277   1.00 21.43 ? 5   GLU B C   1 
ATOM   231 O O   . GLU B 1 6  ? 7.676   1.411   -0.520  1.00 22.03 ? 5   GLU B O   1 
ATOM   232 C CB  A GLU B 1 6  ? 10.208  1.579   1.576   0.58 27.94 ? 5   GLU B CB  1 
ATOM   233 C CB  B GLU B 1 6  ? 10.146  1.656   1.680   0.42 25.09 ? 5   GLU B CB  1 
ATOM   234 C CG  A GLU B 1 6  ? 10.156  0.077   1.355   0.58 32.33 ? 5   GLU B CG  1 
ATOM   235 C CG  B GLU B 1 6  ? 9.820   0.181   1.737   0.42 26.64 ? 5   GLU B CG  1 
ATOM   236 C CD  A GLU B 1 6  ? 11.430  -0.441  0.729   0.58 35.40 ? 5   GLU B CD  1 
ATOM   237 C CD  B GLU B 1 6  ? 10.432  -0.467  2.957   0.42 27.81 ? 5   GLU B CD  1 
ATOM   238 O OE1 A GLU B 1 6  ? 11.708  -0.072  -0.426  0.58 36.08 ? 5   GLU B OE1 1 
ATOM   239 O OE1 B GLU B 1 6  ? 9.953   -0.188  4.078   0.42 29.00 ? 5   GLU B OE1 1 
ATOM   240 O OE2 A GLU B 1 6  ? 12.158  -1.204  1.392   0.58 36.97 ? 5   GLU B OE2 1 
ATOM   241 O OE2 B GLU B 1 6  ? 11.401  -1.234  2.795   0.42 29.12 ? 5   GLU B OE2 1 
ATOM   242 N N   . ILE B 1 7  ? 7.406   3.022   1.060   1.00 18.26 ? 6   ILE B N   1 
ATOM   243 C CA  . ILE B 1 7  ? 5.949   2.989   0.952   1.00 17.19 ? 6   ILE B CA  1 
ATOM   244 C C   . ILE B 1 7  ? 5.516   3.421   -0.433  1.00 19.77 ? 6   ILE B C   1 
ATOM   245 O O   . ILE B 1 7  ? 4.635   2.808   -1.021  1.00 17.68 ? 6   ILE B O   1 
ATOM   246 C CB  . ILE B 1 7  ? 5.301   3.847   2.043   1.00 14.36 ? 6   ILE B CB  1 
ATOM   247 C CG1 . ILE B 1 7  ? 5.387   3.140   3.394   1.00 15.53 ? 6   ILE B CG1 1 
ATOM   248 C CG2 . ILE B 1 7  ? 3.849   4.185   1.647   1.00 17.45 ? 6   ILE B CG2 1 
ATOM   249 C CD1 . ILE B 1 7  ? 5.124   4.060   4.582   1.00 16.47 ? 6   ILE B CD1 1 
ATOM   250 N N   . ALA B 1 8  ? 6.145   4.466   -0.984  1.00 18.62 ? 7   ALA B N   1 
ATOM   251 C CA  . ALA B 1 8  ? 5.792   4.893   -2.328  1.00 20.06 ? 7   ALA B CA  1 
ATOM   252 C C   . ALA B 1 8  ? 5.968   3.762   -3.323  1.00 22.97 ? 7   ALA B C   1 
ATOM   253 O O   . ALA B 1 8  ? 5.116   3.554   -4.181  1.00 22.43 ? 7   ALA B O   1 
ATOM   254 C CB  . ALA B 1 8  ? 6.615   6.095   -2.740  1.00 21.76 ? 7   ALA B CB  1 
ATOM   255 N N   . LYS B 1 9  ? 7.112   3.064   -3.265  1.00 24.27 ? 8   LYS B N   1 
ATOM   256 C CA  . LYS B 1 9  ? 7.320   1.878   -4.090  1.00 28.10 ? 8   LYS B CA  1 
ATOM   257 C C   . LYS B 1 9  ? 6.209   0.853   -3.899  1.00 26.47 ? 8   LYS B C   1 
ATOM   258 O O   . LYS B 1 9  ? 5.698   0.275   -4.865  1.00 31.69 ? 8   LYS B O   1 
ATOM   259 C CB  . LYS B 1 9  ? 8.687   1.249   -3.791  1.00 28.87 ? 8   LYS B CB  1 
ATOM   260 N N   . GLN B 1 10 ? 5.850   0.588   -2.652  1.00 24.14 ? 9   GLN B N   1 
ATOM   261 C CA  . GLN B 1 10 ? 4.809   -0.380  -2.359  1.00 24.29 ? 9   GLN B CA  1 
ATOM   262 C C   . GLN B 1 10 ? 3.480   0.054   -2.979  1.00 20.52 ? 9   GLN B C   1 
ATOM   263 O O   . GLN B 1 10 ? 2.762   -0.766  -3.556  1.00 23.55 ? 9   GLN B O   1 
ATOM   264 C CB  . GLN B 1 10 ? 4.718   -0.386  -0.850  1.00 25.39 ? 9   GLN B CB  1 
ATOM   265 C CG  . GLN B 1 10 ? 5.734   -1.278  -0.172  1.00 27.79 ? 9   GLN B CG  1 
ATOM   266 C CD  . GLN B 1 10 ? 5.632   -1.140  1.343   1.00 35.56 ? 9   GLN B CD  1 
ATOM   267 O OE1 . GLN B 1 10 ? 4.547   -1.188  1.904   1.00 39.28 ? 9   GLN B OE1 1 
ATOM   268 N NE2 . GLN B 1 10 ? 6.773   -0.998  2.009   1.00 41.10 ? 9   GLN B NE2 1 
ATOM   269 N N   . LEU B 1 11 ? 3.150   1.340   -2.902  1.00 18.92 ? 10  LEU B N   1 
ATOM   270 C CA  . LEU B 1 11 ? 1.937   1.850   -3.552  1.00 18.22 ? 10  LEU B CA  1 
ATOM   271 C C   . LEU B 1 11 ? 1.983   1.717   -5.066  1.00 21.92 ? 10  LEU B C   1 
ATOM   272 O O   . LEU B 1 11 ? 0.959   1.402   -5.676  1.00 23.10 ? 10  LEU B O   1 
ATOM   273 C CB  . LEU B 1 11 ? 1.705   3.304   -3.190  1.00 18.45 ? 10  LEU B CB  1 
ATOM   274 C CG  . LEU B 1 11 ? 1.360   3.501   -1.721  1.00 15.59 ? 10  LEU B CG  1 
ATOM   275 C CD1 . LEU B 1 11 ? 1.192   4.958   -1.401  1.00 16.00 ? 10  LEU B CD1 1 
ATOM   276 C CD2 . LEU B 1 11 ? 0.161   2.662   -1.277  1.00 16.09 ? 10  LEU B CD2 1 
ATOM   277 N N   . GLN B 1 12 ? 3.132   2.002   -5.686  1.00 23.90 ? 11  GLN B N   1 
ATOM   278 C CA  . GLN B 1 12 ? 3.272   1.806   -7.116  1.00 25.57 ? 11  GLN B CA  1 
ATOM   279 C C   . GLN B 1 12 ? 3.032   0.351   -7.494  1.00 26.54 ? 11  GLN B C   1 
ATOM   280 O O   . GLN B 1 12 ? 2.393   0.061   -8.522  1.00 30.24 ? 11  GLN B O   1 
ATOM   281 C CB  . GLN B 1 12 ? 4.646   2.271   -7.574  1.00 27.76 ? 11  GLN B CB  1 
ATOM   282 C CG  . GLN B 1 12 ? 4.773   3.767   -7.552  1.00 32.83 ? 11  GLN B CG  1 
ATOM   283 C CD  . GLN B 1 12 ? 6.168   4.241   -7.912  1.00 39.04 ? 11  GLN B CD  1 
ATOM   284 O OE1 . GLN B 1 12 ? 7.163   3.717   -7.419  1.00 42.61 ? 11  GLN B OE1 1 
ATOM   285 N NE2 . GLN B 1 12 ? 6.242   5.216   -8.807  1.00 41.87 ? 11  GLN B NE2 1 
ATOM   286 N N   . GLN B 1 13 ? 3.567   -0.577  -6.695  1.00 25.89 ? 12  GLN B N   1 
ATOM   287 C CA  . GLN B 1 13 ? 3.373   -2.003  -6.937  1.00 26.83 ? 12  GLN B CA  1 
ATOM   288 C C   . GLN B 1 13 ? 1.899   -2.387  -6.792  1.00 27.17 ? 12  GLN B C   1 
ATOM   289 O O   . GLN B 1 13 ? 1.351   -3.129  -7.623  1.00 29.01 ? 12  GLN B O   1 
ATOM   290 C CB  . GLN B 1 13 ? 4.213   -2.795  -5.940  1.00 29.17 ? 12  GLN B CB  1 
ATOM   291 N N   . ILE B 1 14 ? 1.253   -1.945  -5.721  1.00 25.47 ? 13  ILE B N   1 
ATOM   292 C CA  . ILE B 1 14 ? -0.175  -2.222  -5.541  1.00 22.98 ? 13  ILE B CA  1 
ATOM   293 C C   . ILE B 1 14 ? -0.983  -1.705  -6.728  1.00 23.03 ? 13  ILE B C   1 
ATOM   294 O O   . ILE B 1 14 ? -1.923  -2.357  -7.182  1.00 22.74 ? 13  ILE B O   1 
ATOM   295 C CB  . ILE B 1 14 ? -0.688  -1.624  -4.210  1.00 21.66 ? 13  ILE B CB  1 
ATOM   296 C CG1 . ILE B 1 14 ? -0.171  -2.459  -3.037  1.00 21.67 ? 13  ILE B CG1 1 
ATOM   297 C CG2 . ILE B 1 14 ? -2.195  -1.629  -4.202  1.00 20.39 ? 13  ILE B CG2 1 
ATOM   298 C CD1 . ILE B 1 14 ? -0.118  -1.734  -1.740  1.00 21.40 ? 13  ILE B CD1 1 
ATOM   299 N N   . ALA B 1 15 ? -0.630  -0.519  -7.232  1.00 22.47 ? 14  ALA B N   1 
ATOM   300 C CA  . ALA B 1 15 ? -1.329  0.071   -8.364  1.00 24.03 ? 14  ALA B CA  1 
ATOM   301 C C   . ALA B 1 15 ? -1.276  -0.854  -9.567  1.00 25.14 ? 14  ALA B C   1 
ATOM   302 O O   . ALA B 1 15 ? -2.296  -1.086  -10.232 1.00 28.31 ? 14  ALA B O   1 
ATOM   303 C CB  . ALA B 1 15 ? -0.715  1.425   -8.695  1.00 23.80 ? 14  ALA B CB  1 
ATOM   304 N N   . TRP B 1 16 ? -0.081  -1.373  -9.875  1.00 27.86 ? 15  TRP B N   1 
ATOM   305 C CA  . TRP B 1 16 ? 0.069   -2.382  -10.913 1.00 32.30 ? 15  TRP B CA  1 
ATOM   306 C C   . TRP B 1 16 ? -0.829  -3.580  -10.649 1.00 31.66 ? 15  TRP B C   1 
ATOM   307 O O   . TRP B 1 16 ? -1.528  -4.058  -11.558 1.00 31.89 ? 15  TRP B O   1 
ATOM   308 C CB  . TRP B 1 16 ? 1.535   -2.792  -10.971 1.00 37.71 ? 15  TRP B CB  1 
ATOM   309 C CG  . TRP B 1 16 ? 1.867   -3.637  -12.141 1.00 47.65 ? 15  TRP B CG  1 
ATOM   310 C CD1 . TRP B 1 16 ? 2.110   -3.217  -13.425 1.00 53.20 ? 15  TRP B CD1 1 
ATOM   311 C CD2 . TRP B 1 16 ? 1.988   -5.061  -12.152 1.00 54.38 ? 15  TRP B CD2 1 
ATOM   312 N NE1 . TRP B 1 16 ? 2.377   -4.299  -14.232 1.00 55.71 ? 15  TRP B NE1 1 
ATOM   313 C CE2 . TRP B 1 16 ? 2.309   -5.442  -13.476 1.00 57.20 ? 15  TRP B CE2 1 
ATOM   314 C CE3 . TRP B 1 16 ? 1.857   -6.053  -11.175 1.00 57.45 ? 15  TRP B CE3 1 
ATOM   315 C CZ2 . TRP B 1 16 ? 2.502   -6.773  -13.842 1.00 60.60 ? 15  TRP B CZ2 1 
ATOM   316 C CZ3 . TRP B 1 16 ? 2.053   -7.371  -11.540 1.00 60.29 ? 15  TRP B CZ3 1 
ATOM   317 C CH2 . TRP B 1 16 ? 2.372   -7.721  -12.863 1.00 61.43 ? 15  TRP B CH2 1 
ATOM   318 N N   . GLN B 1 17 ? -0.849  -4.072  -9.404  1.00 30.43 ? 16  GLN B N   1 
ATOM   319 C CA  . GLN B 1 17 ? -1.695  -5.225  -9.107  1.00 28.82 ? 16  GLN B CA  1 
ATOM   320 C C   . GLN B 1 17 ? -3.157  -4.902  -9.371  1.00 27.76 ? 16  GLN B C   1 
ATOM   321 O O   . GLN B 1 17 ? -3.886  -5.727  -9.940  1.00 30.37 ? 16  GLN B O   1 
ATOM   322 C CB  . GLN B 1 17 ? -1.467  -5.748  -7.678  1.00 27.47 ? 16  GLN B CB  1 
ATOM   323 C CG  . GLN B 1 17 ? -0.028  -6.156  -7.350  1.00 31.91 ? 16  GLN B CG  1 
ATOM   324 N N   . LEU B 1 18 ? -3.591  -3.689  -9.028  1.00 25.28 ? 17  LEU B N   1 
ATOM   325 C CA  . LEU B 1 18 ? -4.983  -3.326  -9.223  1.00 23.12 ? 17  LEU B CA  1 
ATOM   326 C C   . LEU B 1 18 ? -5.319  -3.264  -10.699 1.00 24.90 ? 17  LEU B C   1 
ATOM   327 O O   . LEU B 1 18 ? -6.420  -3.643  -11.093 1.00 25.49 ? 17  LEU B O   1 
ATOM   328 C CB  . LEU B 1 18 ? -5.257  -1.989  -8.547  1.00 22.45 ? 17  LEU B CB  1 
ATOM   329 C CG  . LEU B 1 18 ? -5.276  -2.036  -7.027  1.00 20.87 ? 17  LEU B CG  1 
ATOM   330 C CD1 . LEU B 1 18 ? -5.461  -0.679  -6.516  1.00 19.94 ? 17  LEU B CD1 1 
ATOM   331 C CD2 . LEU B 1 18 ? -6.395  -2.915  -6.572  1.00 20.48 ? 17  LEU B CD2 1 
ATOM   332 N N   . LYS B 1 19 ? -4.381  -2.798  -11.526 1.00 24.65 ? 18  LYS B N   1 
ATOM   333 C CA  . LYS B 1 19 ? -4.634  -2.708  -12.958 1.00 27.45 ? 18  LYS B CA  1 
ATOM   334 C C   . LYS B 1 19 ? -4.753  -4.096  -13.570 1.00 29.84 ? 18  LYS B C   1 
ATOM   335 O O   . LYS B 1 19 ? -5.620  -4.337  -14.424 1.00 31.77 ? 18  LYS B O   1 
ATOM   336 C CB  . LYS B 1 19 ? -3.531  -1.894  -13.637 1.00 28.18 ? 18  LYS B CB  1 
ATOM   337 C CG  . LYS B 1 19 ? -3.699  -0.367  -13.478 1.00 30.56 ? 18  LYS B CG  1 
ATOM   338 C CD  . LYS B 1 19 ? -2.491  0.399   -14.006 1.00 32.39 ? 18  LYS B CD  1 
ATOM   339 N N   . LYS B 1 20 ? -3.922  -5.037  -13.118 1.00 31.94 ? 19  LYS B N   1 
ATOM   340 C CA  . LYS B 1 20 ? -4.077  -6.420  -13.562 1.00 32.67 ? 19  LYS B CA  1 
ATOM   341 C C   . LYS B 1 20 ? -5.416  -6.997  -13.106 1.00 31.86 ? 19  LYS B C   1 
ATOM   342 O O   . LYS B 1 20 ? -6.094  -7.690  -13.869 1.00 35.30 ? 19  LYS B O   1 
ATOM   343 C CB  . LYS B 1 20 ? -2.880  -7.261  -13.092 1.00 31.25 ? 19  LYS B CB  1 
ATOM   344 N N   . ILE B 1 21 ? -5.841  -6.685  -11.885 1.00 28.54 ? 20  ILE B N   1 
ATOM   345 C CA  . ILE B 1 21 ? -7.118  -7.178  -11.387 1.00 27.68 ? 20  ILE B CA  1 
ATOM   346 C C   . ILE B 1 21 ? -8.259  -6.601  -12.202 1.00 26.13 ? 20  ILE B C   1 
ATOM   347 O O   . ILE B 1 21 ? -9.205  -7.311  -12.558 1.00 27.32 ? 20  ILE B O   1 
ATOM   348 C CB  . ILE B 1 21 ? -7.261  -6.863  -9.887  1.00 26.65 ? 20  ILE B CB  1 
ATOM   349 C CG1 . ILE B 1 21 ? -6.249  -7.663  -9.057  1.00 26.31 ? 20  ILE B CG1 1 
ATOM   350 C CG2 . ILE B 1 21 ? -8.677  -7.120  -9.441  1.00 27.34 ? 20  ILE B CG2 1 
ATOM   351 C CD1 . ILE B 1 21 ? -6.135  -7.199  -7.595  1.00 27.44 ? 20  ILE B CD1 1 
ATOM   352 N N   . ALA B 1 22 ? -8.184  -5.312  -12.520 1.00 25.55 ? 21  ALA B N   1 
ATOM   353 C CA  . ALA B 1 22 ? -9.221  -4.685  -13.325 1.00 25.44 ? 21  ALA B CA  1 
ATOM   354 C C   . ALA B 1 22 ? -9.333  -5.317  -14.707 1.00 28.03 ? 21  ALA B C   1 
ATOM   355 O O   . ALA B 1 22 ? -10.436 -5.533  -15.220 1.00 29.58 ? 21  ALA B O   1 
ATOM   356 C CB  . ALA B 1 22 ? -8.960  -3.183  -13.418 1.00 22.58 ? 21  ALA B CB  1 
ATOM   357 N N   . GLN B 1 23 ? -8.197  -5.631  -15.324 1.00 31.12 ? 22  GLN B N   1 
ATOM   358 C CA  . GLN B 1 23 ? -8.198  -6.195  -16.666 1.00 35.51 ? 22  GLN B CA  1 
ATOM   359 C C   . GLN B 1 23 ? -8.707  -7.632  -16.665 1.00 37.08 ? 22  GLN B C   1 
ATOM   360 O O   . GLN B 1 23 ? -9.375  -8.046  -17.618 1.00 39.94 ? 22  GLN B O   1 
ATOM   361 C CB  . GLN B 1 23 ? -6.778  -6.072  -17.209 1.00 40.74 ? 22  GLN B CB  1 
ATOM   362 C CG  . GLN B 1 23 ? -6.463  -4.644  -17.635 1.00 49.31 ? 22  GLN B CG  1 
ATOM   363 C CD  . GLN B 1 23 ? -4.970  -4.377  -17.774 1.00 58.01 ? 22  GLN B CD  1 
ATOM   364 O OE1 . GLN B 1 23 ? -4.143  -5.288  -17.635 1.00 60.05 ? 22  GLN B OE1 1 
ATOM   365 N NE2 . GLN B 1 23 ? -4.616  -3.116  -18.037 1.00 62.33 ? 22  GLN B NE2 1 
ATOM   366 N N   . GLY B 1 24 ? -8.454  -8.389  -15.596 1.00 35.54 ? 23  GLY B N   1 
ATOM   367 C CA  . GLY B 1 24 ? -8.983  -9.743  -15.482 1.00 35.53 ? 23  GLY B CA  1 
ATOM   368 C C   . GLY B 1 24 ? -10.445 -9.789  -15.042 1.00 33.93 ? 23  GLY B C   1 
ATOM   369 O O   . GLY B 1 24 ? -11.058 -8.757  -14.724 1.00 35.80 ? 23  GLY B O   1 
HETATM 370 N N   . NH2 B 1 25 ? -11.020 -10.986 -15.021 1.00 35.20 ? 24  NH2 B N   1 
HETATM 371 O O   . HOH C 2 .  ? 3.233   -0.299  6.831   1.00 34.11 ? 101 HOH A O   1 
HETATM 372 O O   . HOH C 2 .  ? -1.892  3.941   17.901  1.00 40.03 ? 102 HOH A O   1 
HETATM 373 O O   . HOH C 2 .  ? 3.509   -0.879  9.724   1.00 33.97 ? 103 HOH A O   1 
HETATM 374 O O   . HOH C 2 .  ? -10.218 1.337   5.987   1.00 29.12 ? 104 HOH A O   1 
HETATM 375 O O   . HOH C 2 .  ? -9.738  -6.093  4.067   1.00 45.45 ? 105 HOH A O   1 
HETATM 376 O O   . HOH D 2 .  ? -12.616 -6.181  -16.441 1.00 28.49 ? 101 HOH B O   1 
HETATM 377 O O   . HOH D 2 .  ? 13.247  3.131   9.322   1.00 42.09 ? 102 HOH B O   1 
HETATM 378 O O   . HOH D 2 .  ? 6.116   -0.068  4.438   1.00 47.06 ? 103 HOH B O   1 
HETATM 379 O O   . HOH D 2 .  ? 15.415  9.924   1.727   1.00 41.95 ? 104 HOH B O   1 
# 
loop_
_atom_site_anisotrop.id 
_atom_site_anisotrop.type_symbol 
_atom_site_anisotrop.pdbx_label_atom_id 
_atom_site_anisotrop.pdbx_label_alt_id 
_atom_site_anisotrop.pdbx_label_comp_id 
_atom_site_anisotrop.pdbx_label_asym_id 
_atom_site_anisotrop.pdbx_label_seq_id 
_atom_site_anisotrop.pdbx_PDB_ins_code 
_atom_site_anisotrop.U[1][1] 
_atom_site_anisotrop.U[2][2] 
_atom_site_anisotrop.U[3][3] 
_atom_site_anisotrop.U[1][2] 
_atom_site_anisotrop.U[1][3] 
_atom_site_anisotrop.U[2][3] 
_atom_site_anisotrop.pdbx_auth_seq_id 
_atom_site_anisotrop.pdbx_auth_comp_id 
_atom_site_anisotrop.pdbx_auth_asym_id 
_atom_site_anisotrop.pdbx_auth_atom_id 
1   C C   . ACE A 1  ? 0.7382 0.3920 0.9185 0.1625  -0.3686 -0.0585 0  ACE A C   
2   O O   . ACE A 1  ? 0.7712 0.3766 0.9103 0.1732  -0.3294 -0.0564 0  ACE A O   
3   C CH3 . ACE A 1  ? 0.7563 0.3902 0.9297 0.1733  -0.3677 -0.0975 0  ACE A CH3 
4   N N   . GLY A 2  ? 0.6554 0.3466 0.8089 0.0829  -0.3937 -0.0906 1  GLY A N   
5   C CA  . GLY A 2  ? 0.5618 0.2813 0.7248 0.0743  -0.3659 -0.0987 1  GLY A CA  
6   C C   . GLY A 2  ? 0.5185 0.2418 0.6021 0.0715  -0.3109 -0.0834 1  GLY A C   
7   O O   . GLY A 2  ? 0.5976 0.2465 0.6226 0.0212  -0.3654 -0.0225 1  GLY A O   
8   N N   . GLN A 3  ? 0.4933 0.2593 0.5802 0.1096  -0.2840 -0.1076 2  GLN A N   
9   C CA  A GLN A 3  ? 0.5023 0.2676 0.4989 0.1405  -0.2469 -0.1143 2  GLN A CA  
10  C CA  B GLN A 3  ? 0.4970 0.2627 0.4864 0.1312  -0.2302 -0.1315 2  GLN A CA  
11  C C   . GLN A 3  ? 0.4854 0.2501 0.4448 0.1245  -0.2650 -0.1154 2  GLN A C   
12  O O   . GLN A 3  ? 0.4916 0.2902 0.4484 0.1568  -0.2647 -0.1467 2  GLN A O   
13  C CB  A GLN A 3  ? 0.5131 0.3081 0.4969 0.1755  -0.2232 -0.0891 2  GLN A CB  
14  C CB  B GLN A 3  ? 0.5065 0.2880 0.4620 0.1564  -0.2051 -0.1454 2  GLN A CB  
15  C CG  A GLN A 3  ? 0.5171 0.3821 0.5042 0.2368  -0.1578 -0.0893 2  GLN A CG  
16  C CG  B GLN A 3  ? 0.5055 0.3224 0.4598 0.1908  -0.1191 -0.1446 2  GLN A CG  
17  C CD  A GLN A 3  ? 0.5471 0.4359 0.5248 0.2629  -0.1758 -0.1252 2  GLN A CD  
18  C CD  B GLN A 3  ? 0.5394 0.3772 0.5478 0.2247  -0.2032 -0.1328 2  GLN A CD  
19  O OE1 A GLN A 3  ? 0.5491 0.4925 0.5456 0.2747  -0.2140 -0.1707 2  GLN A OE1 
20  O OE1 B GLN A 3  ? 0.5429 0.4621 0.5663 0.2366  -0.2269 -0.1404 2  GLN A OE1 
21  N NE2 A GLN A 3  ? 0.5557 0.4518 0.5524 0.2685  -0.1825 -0.1381 2  GLN A NE2 
22  N NE2 B GLN A 3  ? 0.5411 0.3462 0.5866 0.1951  -0.2380 -0.1245 2  GLN A NE2 
23  N N   . LEU A 4  ? 0.4376 0.1808 0.4276 0.0626  -0.2187 -0.0536 3  LEU A N   
24  C CA  . LEU A 4  ? 0.4475 0.1736 0.3472 0.0785  -0.1848 -0.0390 3  LEU A CA  
25  C C   . LEU A 4  ? 0.4295 0.1665 0.3510 0.0406  -0.2115 -0.0134 3  LEU A C   
26  O O   . LEU A 4  ? 0.3897 0.1323 0.2534 -0.0216 -0.1453 -0.0116 3  LEU A O   
27  C CB  . LEU A 4  ? 0.4690 0.1829 0.3110 0.0887  -0.2008 -0.0574 3  LEU A CB  
28  C CG  . LEU A 4  ? 0.4361 0.1593 0.3293 0.0583  -0.1876 -0.0321 3  LEU A CG  
29  C CD1 . LEU A 4  ? 0.4308 0.1763 0.4034 0.0436  -0.2197 -0.0203 3  LEU A CD1 
30  C CD2 . LEU A 4  ? 0.4438 0.1776 0.3244 0.1003  -0.1472 -0.0540 3  LEU A CD2 
31  N N   . GLU A 5  ? 0.4705 0.1775 0.3821 0.0100  -0.1917 0.0409  4  GLU A N   
32  C CA  . GLU A 5  ? 0.4687 0.1598 0.3559 -0.0474 -0.1590 0.0488  4  GLU A CA  
33  C C   . GLU A 5  ? 0.4434 0.1404 0.3412 -0.0262 -0.1492 0.0166  4  GLU A C   
34  O O   . GLU A 5  ? 0.4587 0.1668 0.3178 -0.0750 -0.1674 0.0510  4  GLU A O   
35  C CB  . GLU A 5  ? 0.5244 0.1756 0.3962 -0.0458 -0.1558 0.0603  4  GLU A CB  
36  N N   . GLU A 6  ? 0.4704 0.1867 0.3769 0.0582  -0.1887 0.0124  5  GLU A N   
37  C CA  . GLU A 6  ? 0.4865 0.2275 0.3904 0.1058  -0.2040 -0.0190 5  GLU A CA  
38  C C   . GLU A 6  ? 0.4454 0.1630 0.3528 0.0287  -0.2344 -0.0237 5  GLU A C   
39  O O   . GLU A 6  ? 0.4515 0.1591 0.3475 0.0320  -0.2059 -0.0312 5  GLU A O   
40  C CB  . GLU A 6  ? 0.4977 0.3446 0.4494 0.1573  -0.1989 -0.0325 5  GLU A CB  
41  C CG  . GLU A 6  ? 0.5210 0.5332 0.5266 0.2368  -0.0888 0.0011  5  GLU A CG  
42  C CD  . GLU A 6  ? 0.5350 0.7174 0.6204 0.2525  -0.0807 0.0782  5  GLU A CD  
43  O OE1 . GLU A 6  ? 0.4991 0.7849 0.6436 0.2393  -0.0577 0.0478  5  GLU A OE1 
44  O OE2 . GLU A 6  ? 0.5796 0.8389 0.6499 0.2761  -0.0986 0.1483  5  GLU A OE2 
45  N N   . ILE A 7  ? 0.3926 0.1505 0.3150 0.0546  -0.1839 -0.0329 6  ILE A N   
46  C CA  . ILE A 7  ? 0.3236 0.1507 0.2657 0.0838  -0.1201 -0.0206 6  ILE A CA  
47  C C   . ILE A 7  ? 0.3118 0.1325 0.2460 0.0821  -0.0696 -0.0473 6  ILE A C   
48  O O   . ILE A 7  ? 0.3352 0.1024 0.1895 0.0223  -0.0762 -0.0159 6  ILE A O   
49  C CB  . ILE A 7  ? 0.3114 0.1845 0.2136 0.0973  -0.0995 -0.0871 6  ILE A CB  
50  C CG1 . ILE A 7  ? 0.3118 0.2598 0.2739 0.1222  -0.1144 -0.1175 6  ILE A CG1 
51  C CG2 . ILE A 7  ? 0.2636 0.1189 0.2459 -0.0044 -0.0997 -0.0050 6  ILE A CG2 
52  C CD1 . ILE A 7  ? 0.3341 0.3022 0.2452 0.1284  -0.1294 -0.1262 6  ILE A CD1 
53  N N   . ALA A 8  ? 0.2879 0.0994 0.2337 0.0446  -0.0188 -0.0281 7  ALA A N   
54  C CA  . ALA A 8  ? 0.2703 0.1007 0.2278 0.0054  -0.0190 -0.0020 7  ALA A CA  
55  C C   . ALA A 8  ? 0.3018 0.0864 0.2039 -0.0119 -0.0619 0.0138  7  ALA A C   
56  O O   . ALA A 8  ? 0.2581 0.1230 0.1601 -0.0416 -0.0108 -0.0079 7  ALA A O   
57  C CB  . ALA A 8  ? 0.2626 0.1046 0.2723 0.0209  -0.0178 -0.0417 7  ALA A CB  
58  N N   . LYS A 9  ? 0.3674 0.1123 0.2200 0.0031  -0.0543 0.0385  8  LYS A N   
59  C CA  . LYS A 9  ? 0.4004 0.1634 0.2387 -0.0570 -0.0897 0.0736  8  LYS A CA  
60  C C   . LYS A 9  ? 0.3506 0.1257 0.2194 -0.0294 -0.1043 0.0320  8  LYS A C   
61  O O   . LYS A 9  ? 0.3446 0.1082 0.1936 -0.0346 -0.1166 0.0171  8  LYS A O   
62  C CB  . LYS A 9  ? 0.4228 0.1738 0.2476 -0.0732 -0.0921 0.0785  8  LYS A CB  
63  C CG  . LYS A 9  ? 0.5270 0.2049 0.3268 -0.0118 -0.0569 0.1126  8  LYS A CG  
64  C CD  . LYS A 9  ? 0.5953 0.3276 0.4006 0.1078  -0.0176 0.0828  8  LYS A CD  
65  C CE  . LYS A 9  ? 0.6643 0.4465 0.4320 0.2271  0.0155  -0.0323 8  LYS A CE  
66  N NZ  . LYS A 9  ? 0.7185 0.5774 0.5035 0.2619  -0.0139 -0.0659 8  LYS A NZ  
67  N N   . GLN A 10 ? 0.3278 0.1305 0.2126 0.0102  -0.0824 -0.0055 9  GLN A N   
68  C CA  . GLN A 10 ? 0.3585 0.1243 0.2461 0.0760  -0.0629 -0.0175 9  GLN A CA  
69  C C   . GLN A 10 ? 0.2598 0.1419 0.2211 0.0110  -0.0460 -0.0107 9  GLN A C   
70  O O   . GLN A 10 ? 0.2757 0.1470 0.1849 0.0156  -0.0659 -0.0298 9  GLN A O   
71  C CB  . GLN A 10 ? 0.4707 0.1849 0.2719 0.1257  -0.0754 -0.0413 9  GLN A CB  
72  C CG  . GLN A 10 ? 0.6188 0.4733 0.3253 0.2794  -0.1178 -0.1428 9  GLN A CG  
73  C CD  . GLN A 10 ? 0.7352 0.7703 0.4255 0.4176  -0.1678 -0.1470 9  GLN A CD  
74  O OE1 . GLN A 10 ? 0.7752 0.7948 0.4272 0.4540  -0.1582 -0.1278 9  GLN A OE1 
75  N NE2 . GLN A 10 ? 0.7763 0.9093 0.5153 0.4156  -0.2278 -0.1312 9  GLN A NE2 
76  N N   . LEU A 11 ? 0.1905 0.1080 0.1698 0.0372  -0.0399 0.0020  10 LEU A N   
77  C CA  . LEU A 11 ? 0.2107 0.0876 0.1748 0.0397  -0.0134 -0.0490 10 LEU A CA  
78  C C   . LEU A 11 ? 0.2115 0.0719 0.2144 0.0218  -0.0172 0.0162  10 LEU A C   
79  O O   . LEU A 11 ? 0.2090 0.0939 0.1695 0.0181  -0.0106 -0.0254 10 LEU A O   
80  C CB  . LEU A 11 ? 0.2136 0.1160 0.1510 0.0308  -0.0355 0.0205  10 LEU A CB  
81  C CG  . LEU A 11 ? 0.1765 0.1286 0.1858 0.0176  -0.0142 0.0104  10 LEU A CG  
82  C CD1 . LEU A 11 ? 0.1454 0.1668 0.2252 0.0153  -0.0421 0.0694  10 LEU A CD1 
83  C CD2 . LEU A 11 ? 0.2039 0.1975 0.1993 -0.0345 -0.0386 0.0592  10 LEU A CD2 
84  N N   . GLN A 12 ? 0.2554 0.1199 0.1642 -0.0316 -0.0120 0.0329  11 GLN A N   
85  C CA  . GLN A 12 ? 0.2984 0.1513 0.1720 -0.0112 -0.0601 0.0052  11 GLN A CA  
86  C C   . GLN A 12 ? 0.2815 0.1264 0.1363 0.0465  -0.0351 -0.0189 11 GLN A C   
87  O O   . GLN A 12 ? 0.2746 0.1389 0.1435 0.0126  -0.0034 -0.0033 11 GLN A O   
88  C CB  . GLN A 12 ? 0.2770 0.2069 0.2099 -0.0786 -0.0126 0.0274  11 GLN A CB  
89  C CG  . GLN A 12 ? 0.2781 0.1600 0.2079 -0.0640 -0.0289 0.0096  11 GLN A CG  
90  C CD  . GLN A 12 ? 0.3201 0.2652 0.2971 -0.0121 -0.0308 0.1190  11 GLN A CD  
91  O OE1 . GLN A 12 ? 0.3434 0.3302 0.3942 -0.0519 -0.0984 0.1019  11 GLN A OE1 
92  N NE2 . GLN A 12 ? 0.3043 0.3870 0.3705 -0.0215 -0.0523 0.1745  11 GLN A NE2 
93  N N   . GLN A 13 ? 0.3124 0.1269 0.1320 0.0134  0.0036  0.0040  12 GLN A N   
94  C CA  . GLN A 13 ? 0.3293 0.1018 0.1689 0.0315  -0.0288 0.0294  12 GLN A CA  
95  C C   . GLN A 13 ? 0.2941 0.1114 0.1697 -0.0176 -0.0460 0.0257  12 GLN A C   
96  O O   . GLN A 13 ? 0.3007 0.1099 0.1988 -0.0157 -0.0298 -0.0086 12 GLN A O   
97  C CB  . GLN A 13 ? 0.3832 0.1155 0.2262 -0.0006 -0.0746 0.0293  12 GLN A CB  
98  C CG  . GLN A 13 ? 0.3393 0.1415 0.2040 -0.0200 -0.0552 0.0735  12 GLN A CG  
99  C CD  . GLN A 13 ? 0.4109 0.1874 0.2161 -0.0730 -0.0994 0.0787  12 GLN A CD  
100 O OE1 . GLN A 13 ? 0.4778 0.1561 0.1998 -0.0358 -0.0928 0.0331  12 GLN A OE1 
101 N NE2 . GLN A 13 ? 0.4777 0.2063 0.2439 -0.1077 -0.1726 0.0604  12 GLN A NE2 
102 N N   . ILE A 14 ? 0.2334 0.1233 0.1403 0.0603  -0.0227 -0.0061 13 ILE A N   
103 C CA  . ILE A 14 ? 0.2133 0.0921 0.1589 0.0165  -0.0131 -0.0015 13 ILE A CA  
104 C C   . ILE A 14 ? 0.1999 0.1355 0.1820 0.0234  -0.0367 -0.0355 13 ILE A C   
105 O O   . ILE A 14 ? 0.2219 0.0984 0.1619 -0.0260 -0.0379 -0.0169 13 ILE A O   
106 C CB  . ILE A 14 ? 0.2433 0.1212 0.1099 0.0600  0.0045  -0.0201 13 ILE A CB  
107 C CG1 . ILE A 14 ? 0.2317 0.1747 0.1429 0.0969  -0.0177 -0.0254 13 ILE A CG1 
108 C CG2 . ILE A 14 ? 0.2184 0.1263 0.1899 -0.0291 0.0004  0.0200  13 ILE A CG2 
109 C CD1 . ILE A 14 ? 0.2099 0.1958 0.1471 0.0178  0.0017  0.0211  13 ILE A CD1 
110 N N   . ALA A 15 ? 0.2077 0.1239 0.1568 0.0581  0.0072  -0.0022 14 ALA A N   
111 C CA  . ALA A 15 ? 0.2385 0.1237 0.1758 0.0270  0.0074  -0.0400 14 ALA A CA  
112 C C   . ALA A 15 ? 0.2687 0.1050 0.1644 -0.0223 0.0041  -0.0052 14 ALA A C   
113 O O   . ALA A 15 ? 0.2825 0.1178 0.2156 -0.0268 -0.0065 -0.0436 14 ALA A O   
114 C CB  . ALA A 15 ? 0.2115 0.1138 0.2142 0.0418  0.0036  -0.0210 14 ALA A CB  
115 N N   . TRP A 16 ? 0.3129 0.1452 0.1317 -0.0136 0.0132  -0.0250 15 TRP A N   
116 C CA  . TRP A 16 ? 0.3364 0.1854 0.1708 -0.0309 -0.0179 -0.0246 15 TRP A CA  
117 C C   . TRP A 16 ? 0.3269 0.1903 0.1494 -0.0364 -0.0206 -0.0355 15 TRP A C   
118 O O   . TRP A 16 ? 0.3359 0.1811 0.2295 -0.0554 -0.0949 -0.0586 15 TRP A O   
119 C CB  . TRP A 16 ? 0.4102 0.1367 0.2019 -0.0175 -0.0193 0.0339  15 TRP A CB  
120 C CG  . TRP A 16 ? 0.4388 0.1455 0.1766 0.0034  0.0052  0.0000  15 TRP A CG  
121 C CD1 . TRP A 16 ? 0.4595 0.1575 0.1801 -0.0094 -0.0186 0.0160  15 TRP A CD1 
122 C CD2 . TRP A 16 ? 0.4601 0.1312 0.1910 -0.0390 -0.0186 -0.0016 15 TRP A CD2 
123 N NE1 . TRP A 16 ? 0.4756 0.2314 0.1619 -0.0045 -0.0186 0.0151  15 TRP A NE1 
124 C CE2 . TRP A 16 ? 0.4783 0.1918 0.1882 -0.0410 -0.0339 -0.0127 15 TRP A CE2 
125 C CE3 . TRP A 16 ? 0.4546 0.1358 0.2251 -0.0278 -0.0422 -0.0265 15 TRP A CE3 
126 C CZ2 . TRP A 16 ? 0.4987 0.1811 0.1994 -0.0185 -0.0692 -0.0296 15 TRP A CZ2 
127 C CZ3 . TRP A 16 ? 0.4574 0.1391 0.2017 -0.0198 -0.0549 -0.0363 15 TRP A CZ3 
128 C CH2 . TRP A 16 ? 0.4698 0.1470 0.2125 -0.0675 -0.0382 -0.0027 15 TRP A CH2 
129 N N   . GLN A 17 ? 0.2879 0.1760 0.1493 -0.0172 -0.0122 0.0071  16 GLN A N   
130 C CA  A GLN A 17 ? 0.2962 0.1371 0.2028 0.0285  0.0222  -0.0028 16 GLN A CA  
131 C CA  B GLN A 17 ? 0.3115 0.2073 0.2294 0.0179  0.0023  0.0202  16 GLN A CA  
132 C C   . GLN A 17 ? 0.2894 0.1710 0.2084 -0.0058 -0.0407 -0.0136 16 GLN A C   
133 O O   . GLN A 17 ? 0.3597 0.1706 0.2215 -0.0546 -0.0640 -0.0461 16 GLN A O   
134 C CB  A GLN A 17 ? 0.2883 0.1053 0.2080 0.0681  0.0300  -0.0127 16 GLN A CB  
135 C CB  B GLN A 17 ? 0.3491 0.3216 0.3209 0.0404  -0.0350 0.0084  16 GLN A CB  
136 C CG  A GLN A 17 ? 0.2899 0.1964 0.2508 0.0612  0.0678  -0.0198 16 GLN A CG  
137 C CG  B GLN A 17 ? 0.3780 0.4377 0.4239 0.0590  -0.0950 0.0079  16 GLN A CG  
138 C CD  A GLN A 17 ? 0.2727 0.2835 0.2916 0.0761  0.1032  -0.0423 16 GLN A CD  
139 C CD  B GLN A 17 ? 0.3792 0.5224 0.5036 0.0647  -0.1557 0.0270  16 GLN A CD  
140 O OE1 A GLN A 17 ? 0.3156 0.3311 0.3163 0.0755  0.0653  -0.0530 16 GLN A OE1 
141 O OE1 B GLN A 17 ? 0.3827 0.5642 0.5124 0.0626  -0.1899 0.0657  16 GLN A OE1 
142 N NE2 A GLN A 17 ? 0.2026 0.3010 0.3429 0.0445  0.1384  -0.0129 16 GLN A NE2 
143 N NE2 B GLN A 17 ? 0.3665 0.5104 0.5215 0.0599  -0.1552 0.0307  16 GLN A NE2 
144 N N   . LEU A 18 ? 0.2356 0.1008 0.2011 0.0133  -0.0206 -0.0274 17 LEU A N   
145 C CA  . LEU A 18 ? 0.2821 0.1168 0.2310 0.0591  -0.0199 -0.0407 17 LEU A CA  
146 C C   . LEU A 18 ? 0.3351 0.1403 0.2230 0.0317  -0.0090 -0.0836 17 LEU A C   
147 O O   . LEU A 18 ? 0.3355 0.1467 0.2867 0.0221  -0.0439 -0.0696 17 LEU A O   
148 C CB  . LEU A 18 ? 0.2633 0.0951 0.2313 0.0325  -0.0046 0.0278  17 LEU A CB  
149 C CG  . LEU A 18 ? 0.2452 0.1004 0.1943 0.0448  0.0327  0.0313  17 LEU A CG  
150 C CD1 . LEU A 18 ? 0.2738 0.1536 0.2320 0.0136  -0.0343 0.0389  17 LEU A CD1 
151 C CD2 . LEU A 18 ? 0.2415 0.2201 0.2193 0.0344  0.0152  0.0312  17 LEU A CD2 
152 N N   . LYS A 19 ? 0.3539 0.1333 0.2397 0.0182  0.0328  -0.0751 18 LYS A N   
153 C CA  . LYS A 19 ? 0.4032 0.1714 0.3412 -0.0338 0.0036  -0.0465 18 LYS A CA  
154 C C   . LYS A 19 ? 0.4621 0.1975 0.3105 -0.0338 -0.0423 -0.1057 18 LYS A C   
155 O O   . LYS A 19 ? 0.4673 0.2602 0.3232 -0.0442 -0.0319 -0.1611 18 LYS A O   
156 C CB  . LYS A 19 ? 0.3362 0.2415 0.3194 0.0042  0.0650  -0.0916 18 LYS A CB  
157 C CG  . LYS A 19 ? 0.3155 0.2334 0.3943 -0.0035 0.0053  -0.0626 18 LYS A CG  
158 C CD  . LYS A 19 ? 0.3418 0.3912 0.4082 0.0556  -0.0016 -0.0845 18 LYS A CD  
159 C CE  . LYS A 19 ? 0.3590 0.4664 0.5071 0.0537  -0.0540 -0.0643 18 LYS A CE  
160 N NZ  . LYS A 19 ? 0.3066 0.4345 0.5522 -0.0239 -0.0233 -0.0204 18 LYS A NZ  
161 N N   . LYS A 20 ? 0.4596 0.2910 0.2794 -0.0673 -0.0687 -0.0691 19 LYS A N   
162 C CA  . LYS A 20 ? 0.4898 0.3176 0.3037 -0.0592 -0.0907 -0.1083 19 LYS A CA  
163 C C   . LYS A 20 ? 0.4288 0.3118 0.2881 -0.0507 -0.0845 -0.1507 19 LYS A C   
164 O O   . LYS A 20 ? 0.4876 0.3242 0.3569 -0.0594 -0.1287 -0.1465 19 LYS A O   
165 C CB  . LYS A 20 ? 0.5101 0.3211 0.3502 -0.0682 -0.0418 -0.0238 19 LYS A CB  
166 C CG  . LYS A 20 ? 0.5589 0.3568 0.3408 -0.0178 -0.0424 -0.0919 19 LYS A CG  
167 C CD  . LYS A 20 ? 0.5663 0.4592 0.3673 0.0094  -0.0130 -0.0974 19 LYS A CD  
168 C CE  . LYS A 20 ? 0.5317 0.4958 0.3571 0.0143  0.0285  -0.1217 19 LYS A CE  
169 N NZ  . LYS A 20 ? 0.5257 0.5529 0.4313 -0.0112 0.0177  -0.0635 19 LYS A NZ  
170 N N   . ILE A 21 ? 0.4397 0.2823 0.2997 0.0093  -0.0964 -0.1328 20 ILE A N   
171 C CA  . ILE A 21 ? 0.3800 0.2462 0.3416 0.0110  -0.0608 -0.1143 20 ILE A CA  
172 C C   . ILE A 21 ? 0.4406 0.2514 0.4149 -0.0407 -0.1053 -0.1087 20 ILE A C   
173 O O   . ILE A 21 ? 0.4566 0.2865 0.4888 -0.0740 -0.1475 -0.1250 20 ILE A O   
174 C CB  . ILE A 21 ? 0.3318 0.1550 0.3231 -0.0094 -0.0878 -0.0444 20 ILE A CB  
175 C CG1 . ILE A 21 ? 0.2649 0.1517 0.3187 0.0000  -0.0632 -0.0262 20 ILE A CG1 
176 C CG2 . ILE A 21 ? 0.3173 0.1951 0.3652 -0.0685 -0.1343 0.0172  20 ILE A CG2 
177 C CD1 . ILE A 21 ? 0.2785 0.1902 0.3418 -0.0189 -0.0306 -0.0641 20 ILE A CD1 
178 N N   . ALA A 22 ? 0.4722 0.2074 0.4740 -0.0128 -0.0860 -0.1335 21 ALA A N   
179 C CA  . ALA A 22 ? 0.5367 0.2716 0.5255 -0.0445 -0.0634 -0.1873 21 ALA A CA  
180 C C   . ALA A 22 ? 0.6133 0.3477 0.5302 -0.0391 -0.0739 -0.2323 21 ALA A C   
181 O O   . ALA A 22 ? 0.6236 0.3683 0.5439 -0.0604 -0.0448 -0.2484 21 ALA A O   
182 C CB  . ALA A 22 ? 0.5116 0.2427 0.4785 -0.0635 -0.0260 -0.1690 21 ALA A CB  
183 N N   . GLN A 23 ? 0.7119 0.4377 0.5704 0.0038  -0.1467 -0.2621 22 GLN A N   
184 C CA  . GLN A 23 ? 0.8350 0.5371 0.6312 0.0963  -0.1772 -0.2807 22 GLN A CA  
185 C C   . GLN A 23 ? 0.9231 0.6570 0.7183 0.1586  -0.1956 -0.2534 22 GLN A C   
186 O O   . GLN A 23 ? 0.9559 0.7298 0.7301 0.2030  -0.2198 -0.2430 22 GLN A O   
187 C CB  . GLN A 23 ? 0.8787 0.5956 0.6481 0.1538  -0.1551 -0.2602 22 GLN A CB  
188 C CG  . GLN A 23 ? 0.9117 0.6095 0.6606 0.1819  -0.1238 -0.2587 22 GLN A CG  
189 C CD  . GLN A 23 ? 0.9220 0.6031 0.6627 0.1907  -0.1048 -0.2655 22 GLN A CD  
190 O OE1 . GLN A 23 ? 0.9109 0.6634 0.6964 0.1621  -0.1250 -0.1949 22 GLN A OE1 
191 N NE2 . GLN A 23 ? 0.9317 0.5775 0.6541 0.2251  -0.0590 -0.3023 22 GLN A NE2 
192 N N   . GLY A 24 ? 0.9585 0.6908 0.7847 0.1378  -0.1905 -0.2289 23 GLY A N   
193 C CA  . GLY A 24 ? 0.9759 0.7600 0.8836 0.0879  -0.1956 -0.1695 23 GLY A CA  
194 C C   . GLY A 24 ? 0.9818 0.7937 0.9918 0.0361  -0.2116 -0.1395 23 GLY A C   
195 O O   . GLY A 24 ? 0.9877 0.7981 1.0320 0.0213  -0.1958 -0.1220 23 GLY A O   
196 N N   . NH2 A 25 ? 0.9775 0.7901 1.0186 0.0131  -0.2097 -0.1374 24 NH2 A N   
197 C C   . ACE B 1  ? 0.2536 0.2660 0.3376 0.0135  -0.0713 -0.0568 0  ACE B C   
198 O O   . ACE B 1  ? 0.2411 0.2605 0.3701 -0.0296 -0.0962 -0.0587 0  ACE B O   
199 C CH3 . ACE B 1  ? 0.2804 0.3156 0.2817 0.0455  -0.0675 -0.1038 0  ACE B CH3 
200 N N   . GLY B 2  ? 0.2248 0.2229 0.3592 0.0405  -0.1116 -0.0865 1  GLY B N   
201 C CA  . GLY B 2  ? 0.2153 0.2660 0.3494 -0.0030 -0.1170 -0.1145 1  GLY B CA  
202 C C   . GLY B 2  ? 0.1931 0.3044 0.3192 -0.0257 -0.1013 -0.1016 1  GLY B C   
203 O O   . GLY B 2  ? 0.1899 0.2929 0.3558 0.0284  -0.1101 -0.1331 1  GLY B O   
204 N N   . GLN B 3  ? 0.2190 0.2309 0.2900 0.0041  -0.0666 -0.0855 2  GLN B N   
205 C CA  . GLN B 3  ? 0.2339 0.1479 0.3031 -0.0342 -0.1086 -0.0049 2  GLN B CA  
206 C C   . GLN B 3  ? 0.1952 0.2178 0.2781 -0.0048 -0.0564 -0.0245 2  GLN B C   
207 O O   . GLN B 3  ? 0.2072 0.2455 0.2906 0.0182  -0.0573 -0.0787 2  GLN B O   
208 C CB  . GLN B 3  ? 0.3556 0.2141 0.2610 0.0460  -0.1412 -0.0124 2  GLN B CB  
209 C CG  . GLN B 3  ? 0.4384 0.2579 0.3900 0.0853  -0.1720 0.0139  2  GLN B CG  
210 C CD  . GLN B 3  ? 0.4934 0.4031 0.4180 0.1431  -0.1278 0.0596  2  GLN B CD  
211 O OE1 . GLN B 3  ? 0.5002 0.4181 0.4101 0.1894  -0.0236 0.0492  2  GLN B OE1 
212 N NE2 . GLN B 3  ? 0.5484 0.5562 0.4299 0.1651  -0.1577 0.0655  2  GLN B NE2 
213 N N   . LEU B 4  ? 0.1707 0.2136 0.2801 0.0195  -0.0227 0.0127  3  LEU B N   
214 C CA  . LEU B 4  ? 0.1594 0.2586 0.2428 -0.0155 -0.0377 -0.0161 3  LEU B CA  
215 C C   . LEU B 4  ? 0.1573 0.3110 0.2420 -0.0548 -0.0457 0.0063  3  LEU B C   
216 O O   . LEU B 4  ? 0.1925 0.3578 0.2034 -0.0396 -0.0629 0.0044  3  LEU B O   
217 C CB  . LEU B 4  ? 0.1832 0.2766 0.2724 -0.0255 -0.1038 -0.0280 3  LEU B CB  
218 C CG  . LEU B 4  ? 0.1986 0.2107 0.3010 -0.0454 -0.0251 0.0332  3  LEU B CG  
219 C CD1 . LEU B 4  ? 0.2309 0.1932 0.3253 -0.0476 -0.0105 0.0574  3  LEU B CD1 
220 C CD2 . LEU B 4  ? 0.1460 0.2226 0.3143 -0.0010 -0.0002 -0.0019 3  LEU B CD2 
221 N N   . GLU B 5  ? 0.1610 0.3565 0.3210 -0.0418 -0.0545 -0.0956 4  GLU B N   
222 C CA  . GLU B 5  ? 0.2015 0.4166 0.3110 -0.0154 -0.0296 -0.1228 4  GLU B CA  
223 C C   . GLU B 5  ? 0.1611 0.4561 0.3022 -0.0300 -0.0252 -0.1132 4  GLU B C   
224 O O   . GLU B 5  ? 0.1663 0.5737 0.2666 -0.0278 -0.0173 -0.1040 4  GLU B O   
225 C CB  . GLU B 5  ? 0.2396 0.4010 0.3748 -0.0546 -0.0214 -0.0966 4  GLU B CB  
226 C CG  . GLU B 5  ? 0.2759 0.4438 0.4529 -0.0529 -0.0434 -0.0536 4  GLU B CG  
227 N N   . GLU B 6  ? 0.1597 0.4375 0.3208 0.0220  -0.0327 -0.1122 5  GLU B N   
228 C CA  A GLU B 6  ? 0.1717 0.3920 0.3368 0.0326  -0.0254 -0.0765 5  GLU B CA  
229 C CA  B GLU B 6  ? 0.1431 0.4057 0.3319 0.0363  -0.0014 -0.0846 5  GLU B CA  
230 C C   . GLU B 6  ? 0.1545 0.3725 0.2870 0.0203  -0.0320 -0.0736 5  GLU B C   
231 O O   . GLU B 6  ? 0.1653 0.3907 0.2809 0.0361  -0.0567 -0.1191 5  GLU B O   
232 C CB  A GLU B 6  ? 0.2563 0.3848 0.4204 0.0440  -0.0768 -0.0511 5  GLU B CB  
233 C CB  B GLU B 6  ? 0.1640 0.4131 0.3763 0.0575  -0.0238 -0.0535 5  GLU B CB  
234 C CG  A GLU B 6  ? 0.3565 0.3972 0.4748 0.0603  -0.1089 -0.0251 5  GLU B CG  
235 C CG  B GLU B 6  ? 0.1956 0.4046 0.4120 0.0706  -0.0191 -0.0256 5  GLU B CG  
236 C CD  A GLU B 6  ? 0.4513 0.3979 0.4959 0.0514  -0.1312 0.0067  5  GLU B CD  
237 C CD  B GLU B 6  ? 0.2410 0.3707 0.4449 0.0663  -0.0401 0.0072  5  GLU B CD  
238 O OE1 A GLU B 6  ? 0.4879 0.4002 0.4829 0.0448  -0.1586 0.0001  5  GLU B OE1 
239 O OE1 B GLU B 6  ? 0.2553 0.3565 0.4902 0.0829  -0.0505 0.0502  5  GLU B OE1 
240 O OE2 A GLU B 6  ? 0.4847 0.3993 0.5208 0.0504  -0.1415 0.0363  5  GLU B OE2 
241 O OE2 B GLU B 6  ? 0.2814 0.3642 0.4606 0.0426  -0.0440 0.0083  5  GLU B OE2 
242 N N   . ILE B 7  ? 0.1158 0.3207 0.2573 0.0256  -0.0059 -0.0605 6  ILE B N   
243 C CA  . ILE B 7  ? 0.1628 0.2817 0.2086 0.0521  -0.0420 -0.0562 6  ILE B CA  
244 C C   . ILE B 7  ? 0.1870 0.3452 0.2192 0.0017  -0.0598 -0.0046 6  ILE B C   
245 O O   . ILE B 7  ? 0.1595 0.3198 0.1925 0.0325  -0.0247 -0.0352 6  ILE B O   
246 C CB  . ILE B 7  ? 0.1713 0.1695 0.2046 0.0399  -0.0162 -0.0173 6  ILE B CB  
247 C CG1 . ILE B 7  ? 0.2312 0.1453 0.2134 -0.0042 -0.0299 -0.0152 6  ILE B CG1 
248 C CG2 . ILE B 7  ? 0.1258 0.2561 0.2810 0.0436  0.0386  0.0015  6  ILE B CG2 
249 C CD1 . ILE B 7  ? 0.2902 0.1590 0.1765 0.0199  -0.0330 -0.0521 6  ILE B CD1 
250 N N   . ALA B 8  ? 0.1473 0.3520 0.2081 -0.0356 -0.0430 0.0108  7  ALA B N   
251 C CA  . ALA B 8  ? 0.1550 0.3941 0.2131 -0.0105 -0.0389 0.0018  7  ALA B CA  
252 C C   . ALA B 8  ? 0.1541 0.4993 0.2192 -0.0149 -0.0180 -0.0496 7  ALA B C   
253 O O   . ALA B 8  ? 0.1816 0.4982 0.1723 -0.0345 -0.0107 -0.0329 7  ALA B O   
254 C CB  . ALA B 8  ? 0.1627 0.4488 0.2153 -0.0715 -0.0591 0.0354  7  ALA B CB  
255 N N   . LYS B 9  ? 0.1463 0.5421 0.2336 -0.0047 0.0197  -0.0882 8  LYS B N   
256 C CA  . LYS B 9  ? 0.1995 0.5917 0.2764 0.0551  0.0091  -0.1270 8  LYS B CA  
257 C C   . LYS B 9  ? 0.1751 0.5773 0.2535 0.0104  0.0087  -0.1756 8  LYS B C   
258 O O   . LYS B 9  ? 0.1959 0.6993 0.3088 -0.0114 -0.0158 -0.1643 8  LYS B O   
259 C CB  . LYS B 9  ? 0.2634 0.5782 0.2553 0.1055  -0.0792 -0.1354 8  LYS B CB  
260 N N   . GLN B 10 ? 0.1561 0.4761 0.2849 0.0273  0.0105  -0.1672 9  GLN B N   
261 C CA  . GLN B 10 ? 0.1899 0.4132 0.3197 0.0585  -0.0757 -0.1376 9  GLN B CA  
262 C C   . GLN B 10 ? 0.1957 0.3230 0.2610 0.0376  -0.0279 -0.1068 9  GLN B C   
263 O O   . GLN B 10 ? 0.2302 0.3727 0.2918 0.0601  -0.0457 -0.1386 9  GLN B O   
264 C CB  . GLN B 10 ? 0.2225 0.4061 0.3363 0.0572  -0.1230 -0.1396 9  GLN B CB  
265 C CG  . GLN B 10 ? 0.2516 0.4059 0.3985 0.0815  -0.1133 -0.0645 9  GLN B CG  
266 C CD  . GLN B 10 ? 0.3148 0.5076 0.5289 0.0546  -0.1572 0.0617  9  GLN B CD  
267 O OE1 . GLN B 10 ? 0.4473 0.5318 0.5134 0.1579  -0.1398 0.1020  9  GLN B OE1 
268 N NE2 . GLN B 10 ? 0.4047 0.5682 0.5887 0.0037  -0.1592 0.1289  9  GLN B NE2 
269 N N   . LEU B 11 ? 0.1686 0.3640 0.1864 0.0519  -0.0031 -0.0863 10 LEU B N   
270 C CA  . LEU B 11 ? 0.1521 0.3784 0.1618 -0.0071 -0.0403 -0.0101 10 LEU B CA  
271 C C   . LEU B 11 ? 0.1432 0.5039 0.1856 -0.0587 0.0062  -0.0211 10 LEU B C   
272 O O   . LEU B 11 ? 0.1605 0.5138 0.2034 -0.0315 -0.0374 -0.0383 10 LEU B O   
273 C CB  . LEU B 11 ? 0.1994 0.3524 0.1493 0.0288  -0.0417 -0.0539 10 LEU B CB  
274 C CG  . LEU B 11 ? 0.1490 0.2812 0.1623 0.0305  -0.0204 -0.0337 10 LEU B CG  
275 C CD1 . LEU B 11 ? 0.1792 0.2093 0.2193 -0.0049 -0.0198 -0.0347 10 LEU B CD1 
276 C CD2 . LEU B 11 ? 0.1584 0.2541 0.1988 0.0054  -0.0321 0.0173  10 LEU B CD2 
277 N N   . GLN B 12 ? 0.1810 0.5554 0.1717 -0.0488 0.0319  -0.0636 11 GLN B N   
278 C CA  . GLN B 12 ? 0.1897 0.5990 0.1829 -0.0903 0.0217  -0.0827 11 GLN B CA  
279 C C   . GLN B 12 ? 0.1974 0.5963 0.2145 -0.0389 -0.0058 -0.1380 11 GLN B C   
280 O O   . GLN B 12 ? 0.1944 0.7165 0.2380 -0.0411 0.0131  -0.1574 11 GLN B O   
281 C CB  . GLN B 12 ? 0.2182 0.6368 0.1997 -0.0800 0.0430  -0.0500 11 GLN B CB  
282 C CG  . GLN B 12 ? 0.2388 0.7123 0.2965 -0.0825 0.0665  0.0281  11 GLN B CG  
283 C CD  . GLN B 12 ? 0.3004 0.8064 0.3764 -0.0357 0.0391  0.0590  11 GLN B CD  
284 O OE1 . GLN B 12 ? 0.3581 0.8131 0.4481 0.0148  0.0012  0.0678  11 GLN B OE1 
285 N NE2 . GLN B 12 ? 0.3300 0.8392 0.4218 -0.0346 -0.0266 0.0887  11 GLN B NE2 
286 N N   . GLN B 13 ? 0.1764 0.5778 0.2296 0.0143  0.0127  -0.1496 12 GLN B N   
287 C CA  . GLN B 13 ? 0.1834 0.5435 0.2924 0.0624  -0.0380 -0.1800 12 GLN B CA  
288 C C   . GLN B 13 ? 0.2019 0.5006 0.3299 0.0452  -0.0897 -0.1527 12 GLN B C   
289 O O   . GLN B 13 ? 0.2225 0.5523 0.3275 0.0681  -0.0938 -0.1615 12 GLN B O   
290 C CB  . GLN B 13 ? 0.2200 0.5616 0.3268 0.1016  -0.0126 -0.1902 12 GLN B CB  
291 N N   . ILE B 14 ? 0.1977 0.4429 0.3273 0.0763  -0.0968 -0.1513 13 ILE B N   
292 C CA  . ILE B 14 ? 0.1742 0.4351 0.2640 0.0883  -0.0606 -0.1767 13 ILE B CA  
293 C C   . ILE B 14 ? 0.1603 0.4401 0.2745 0.0379  -0.0228 -0.1624 13 ILE B C   
294 O O   . ILE B 14 ? 0.1783 0.3841 0.3014 0.0308  -0.0622 -0.1782 13 ILE B O   
295 C CB  . ILE B 14 ? 0.1700 0.3649 0.2882 0.0819  -0.0814 -0.1290 13 ILE B CB  
296 C CG1 . ILE B 14 ? 0.2042 0.3091 0.3100 0.0365  -0.1077 -0.1260 13 ILE B CG1 
297 C CG2 . ILE B 14 ? 0.1262 0.3566 0.2919 -0.0034 -0.0367 -0.0605 13 ILE B CG2 
298 C CD1 . ILE B 14 ? 0.2326 0.3030 0.2775 0.0454  -0.0972 -0.1314 13 ILE B CD1 
299 N N   . ALA B 15 ? 0.1892 0.4309 0.2339 0.0478  -0.0226 -0.0975 14 ALA B N   
300 C CA  . ALA B 15 ? 0.2238 0.4659 0.2232 -0.0065 -0.0602 -0.1022 14 ALA B CA  
301 C C   . ALA B 15 ? 0.2089 0.5333 0.2132 -0.0340 -0.0169 -0.1410 14 ALA B C   
302 O O   . ALA B 15 ? 0.2406 0.6237 0.2113 -0.0359 -0.0321 -0.1094 14 ALA B O   
303 C CB  . ALA B 15 ? 0.2594 0.4385 0.2065 0.0119  -0.0478 -0.0050 14 ALA B CB  
304 N N   . TRP B 16 ? 0.2298 0.5828 0.2458 -0.0048 0.0153  -0.1802 15 TRP B N   
305 C CA  . TRP B 16 ? 0.2385 0.6934 0.2953 0.0469  -0.0091 -0.2156 15 TRP B CA  
306 C C   . TRP B 16 ? 0.2243 0.6729 0.3059 0.0696  -0.0343 -0.2265 15 TRP B C   
307 O O   . TRP B 16 ? 0.2066 0.6883 0.3169 0.0515  -0.0230 -0.2393 15 TRP B O   
308 C CB  . TRP B 16 ? 0.2798 0.8139 0.3390 0.0450  -0.0078 -0.2479 15 TRP B CB  
309 C CG  . TRP B 16 ? 0.3772 0.9429 0.4905 0.0613  -0.0579 -0.2284 15 TRP B CG  
310 C CD1 . TRP B 16 ? 0.4433 0.9846 0.5934 0.0816  -0.0789 -0.1800 15 TRP B CD1 
311 C CD2 . TRP B 16 ? 0.4696 0.9804 0.6162 0.0873  -0.0996 -0.1827 15 TRP B CD2 
312 N NE1 . TRP B 16 ? 0.4999 1.0057 0.6112 0.1143  -0.0801 -0.1888 15 TRP B NE1 
313 C CE2 . TRP B 16 ? 0.5229 1.0019 0.6486 0.1162  -0.1091 -0.1841 15 TRP B CE2 
314 C CE3 . TRP B 16 ? 0.5261 1.0001 0.6567 0.0973  -0.1391 -0.1812 15 TRP B CE3 
315 C CZ2 . TRP B 16 ? 0.5784 1.0193 0.7049 0.1200  -0.1544 -0.1627 15 TRP B CZ2 
316 C CZ3 . TRP B 16 ? 0.5767 1.0176 0.6963 0.1079  -0.1681 -0.1754 15 TRP B CZ3 
317 C CH2 . TRP B 16 ? 0.5928 1.0278 0.7133 0.1051  -0.1669 -0.1537 15 TRP B CH2 
318 N N   . GLN B 17 ? 0.2247 0.6180 0.3134 0.1149  -0.0606 -0.2266 16 GLN B N   
319 C CA  . GLN B 17 ? 0.2131 0.5418 0.3403 0.0969  -0.0740 -0.2229 16 GLN B CA  
320 C C   . GLN B 17 ? 0.2158 0.5026 0.3361 0.0790  -0.0821 -0.2097 16 GLN B C   
321 O O   . GLN B 17 ? 0.2370 0.5539 0.3631 0.0451  -0.0973 -0.1914 16 GLN B O   
322 C CB  . GLN B 17 ? 0.2233 0.4905 0.3297 0.1252  -0.0896 -0.2234 16 GLN B CB  
323 C CG  . GLN B 17 ? 0.2451 0.5357 0.4318 0.1257  -0.1216 -0.1442 16 GLN B CG  
324 N N   . LEU B 18 ? 0.2047 0.4821 0.2739 0.0725  -0.0472 -0.1923 17 LEU B N   
325 C CA  . LEU B 18 ? 0.2033 0.4204 0.2547 0.0703  -0.0729 -0.1650 17 LEU B CA  
326 C C   . LEU B 18 ? 0.2044 0.4585 0.2834 0.0138  -0.0727 -0.1564 17 LEU B C   
327 O O   . LEU B 18 ? 0.1941 0.4565 0.3180 -0.0071 -0.0738 -0.1499 17 LEU B O   
328 C CB  . LEU B 18 ? 0.1920 0.3966 0.2645 0.0705  -0.0594 -0.1028 17 LEU B CB  
329 C CG  . LEU B 18 ? 0.2142 0.3496 0.2291 0.0963  0.0040  -0.1248 17 LEU B CG  
330 C CD1 . LEU B 18 ? 0.2186 0.2903 0.2488 0.0168  -0.0028 -0.1227 17 LEU B CD1 
331 C CD2 . LEU B 18 ? 0.2416 0.2744 0.2619 0.0840  -0.0169 -0.1144 17 LEU B CD2 
332 N N   . LYS B 19 ? 0.1989 0.4883 0.2494 0.0337  0.0080  -0.1762 18 LYS B N   
333 C CA  . LYS B 19 ? 0.2579 0.5593 0.2258 -0.0063 -0.0343 -0.1532 18 LYS B CA  
334 C C   . LYS B 19 ? 0.2757 0.6122 0.2458 0.0101  -0.0426 -0.1659 18 LYS B C   
335 O O   . LYS B 19 ? 0.2838 0.6445 0.2788 -0.0012 -0.0727 -0.1577 18 LYS B O   
336 C CB  . LYS B 19 ? 0.2841 0.5898 0.1966 -0.0364 -0.0171 -0.1212 18 LYS B CB  
337 C CG  . LYS B 19 ? 0.3133 0.5939 0.2542 -0.0624 -0.0134 -0.0800 18 LYS B CG  
338 C CD  . LYS B 19 ? 0.3312 0.6148 0.2846 -0.0696 -0.0036 -0.0478 18 LYS B CD  
339 N N   . LYS B 20 ? 0.3084 0.6175 0.2876 0.0194  -0.0551 -0.2007 19 LYS B N   
340 C CA  . LYS B 20 ? 0.3188 0.5710 0.3515 0.0616  -0.1040 -0.2181 19 LYS B CA  
341 C C   . LYS B 20 ? 0.3317 0.5324 0.3463 0.1257  -0.0809 -0.2350 19 LYS B C   
342 O O   . LYS B 20 ? 0.3639 0.6030 0.3742 0.1321  -0.1298 -0.2406 19 LYS B O   
343 C CB  . LYS B 20 ? 0.3285 0.5325 0.3262 0.0547  -0.1151 -0.1960 19 LYS B CB  
344 N N   . ILE B 21 ? 0.3051 0.4706 0.3088 0.0918  -0.0858 -0.2071 20 ILE B N   
345 C CA  . ILE B 21 ? 0.2959 0.3904 0.3653 0.1267  -0.1084 -0.1693 20 ILE B CA  
346 C C   . ILE B 21 ? 0.2945 0.3650 0.3335 0.1053  -0.1298 -0.1803 20 ILE B C   
347 O O   . ILE B 21 ? 0.3155 0.3549 0.3676 0.0791  -0.1386 -0.1884 20 ILE B O   
348 C CB  . ILE B 21 ? 0.3123 0.3443 0.3558 0.1396  -0.1236 -0.1258 20 ILE B CB  
349 C CG1 . ILE B 21 ? 0.3028 0.3537 0.3430 0.1549  -0.1345 -0.1516 20 ILE B CG1 
350 C CG2 . ILE B 21 ? 0.3488 0.3749 0.3151 0.0895  -0.1393 -0.1120 20 ILE B CG2 
351 C CD1 . ILE B 21 ? 0.3375 0.3304 0.3747 0.0999  -0.1730 -0.1675 20 ILE B CD1 
352 N N   . ALA B 22 ? 0.2570 0.4259 0.2880 0.0996  -0.0926 -0.1220 21 ALA B N   
353 C CA  . ALA B 22 ? 0.2492 0.4406 0.2768 0.1141  -0.1047 -0.1061 21 ALA B CA  
354 C C   . ALA B 22 ? 0.2813 0.4606 0.3231 0.0443  -0.1128 -0.1266 21 ALA B C   
355 O O   . ALA B 22 ? 0.2652 0.4812 0.3777 0.0568  -0.1044 -0.0808 21 ALA B O   
356 C CB  . ALA B 22 ? 0.2225 0.3911 0.2445 0.0953  -0.1041 -0.0766 21 ALA B CB  
357 N N   . GLN B 23 ? 0.3404 0.5281 0.3140 0.0595  -0.0929 -0.1567 22 GLN B N   
358 C CA  . GLN B 23 ? 0.4384 0.6345 0.2764 0.0538  -0.0841 -0.1787 22 GLN B CA  
359 C C   . GLN B 23 ? 0.4696 0.5932 0.3461 0.0691  -0.1299 -0.2194 22 GLN B C   
360 O O   . GLN B 23 ? 0.5392 0.5913 0.3869 0.0791  -0.1923 -0.2047 22 GLN B O   
361 C CB  . GLN B 23 ? 0.5292 0.7380 0.2809 0.0559  -0.0449 -0.1963 22 GLN B CB  
362 C CG  . GLN B 23 ? 0.6132 0.9048 0.3556 0.0360  -0.0908 -0.1415 22 GLN B CG  
363 C CD  . GLN B 23 ? 0.6857 1.0522 0.4661 0.0297  -0.1489 -0.0810 22 GLN B CD  
364 O OE1 . GLN B 23 ? 0.7090 1.0826 0.4899 0.0053  -0.1896 -0.0793 22 GLN B OE1 
365 N NE2 . GLN B 23 ? 0.7221 1.1536 0.4925 0.0431  -0.1472 -0.0391 22 GLN B NE2 
366 N N   . GLY B 24 ? 0.4297 0.5115 0.4093 0.0962  -0.1057 -0.2315 23 GLY B N   
367 C CA  . GLY B 24 ? 0.4567 0.4398 0.4536 0.1418  -0.1478 -0.2379 23 GLY B CA  
368 C C   . GLY B 24 ? 0.4579 0.3603 0.4709 0.1386  -0.1469 -0.2145 23 GLY B C   
369 O O   . GLY B 24 ? 0.4587 0.3364 0.5650 0.1380  -0.2219 -0.2064 23 GLY B O   
370 N N   . NH2 B 25 ? 0.5189 0.2995 0.5191 0.1444  -0.1768 -0.1689 24 NH2 B N   
# 
